data_5GZY
#
_entry.id   5GZY
#
_cell.length_a   72.945
_cell.length_b   95.136
_cell.length_c   109.058
_cell.angle_alpha   90.00
_cell.angle_beta   98.09
_cell.angle_gamma   90.00
#
_symmetry.space_group_name_H-M   'P 1 21 1'
#
loop_
_entity.id
_entity.type
_entity.pdbx_description
1 polymer '(R)-2-haloacid dehalogenase'
2 non-polymer '(2S)-2-HYDROXYPROPANOIC ACID'
3 water water
#
_entity_poly.entity_id   1
_entity_poly.type   'polypeptide(L)'
_entity_poly.pdbx_seq_one_letter_code
;MNLPDNSIHLQLPRPVCEAIIRPVPEHRADQELSEIYRDLKATFGVPWVGVITQAVAYYRPFFAEAWRRFAPSAKTHFFE
RASDDIRIRSWELMGQSFVIEGQTDRLREMGYSVREIGQIRAVLDIFDYGNPKYLIFATAIKEGLLSGRTFGGAAGDARC
HFPRSPICQIDPIPVMVEEHHAGGTLSQVYADIKQTLQLPFINSDYKAMARWPSYLEQAWGALKPCIDTPAYQAGRFDIN
ARALAALDALPTAYRMSRDDALQAGLSEAQTDELIQVISLFQWMLSGLVLNVTHFKQQALK
;
_entity_poly.pdbx_strand_id   A,B,C,D
#
# COMPACT_ATOMS: atom_id res chain seq x y z
N ILE A 8 27.17 4.70 43.78
CA ILE A 8 28.28 4.19 42.98
C ILE A 8 28.00 4.40 41.50
N HIS A 9 26.88 3.86 41.02
CA HIS A 9 26.33 4.35 39.76
C HIS A 9 24.81 4.26 39.75
N LEU A 10 24.17 5.18 39.04
CA LEU A 10 22.72 5.23 38.95
C LEU A 10 22.15 3.90 38.44
N GLN A 11 21.20 3.35 39.19
CA GLN A 11 20.52 2.12 38.82
C GLN A 11 19.01 2.27 39.00
N LEU A 12 18.27 2.05 37.92
CA LEU A 12 16.81 2.12 37.95
C LEU A 12 16.20 0.81 38.43
N PRO A 13 15.56 0.82 39.61
CA PRO A 13 15.05 -0.43 40.19
C PRO A 13 13.81 -0.99 39.47
N ARG A 14 13.83 -2.29 39.22
CA ARG A 14 12.70 -2.96 38.63
C ARG A 14 11.62 -3.15 39.65
N PRO A 15 10.39 -2.74 39.34
CA PRO A 15 9.25 -2.90 40.26
C PRO A 15 8.85 -4.36 40.42
N VAL A 16 8.06 -4.65 41.45
CA VAL A 16 7.48 -5.99 41.62
C VAL A 16 6.22 -6.15 40.77
N CYS A 17 6.15 -7.21 39.97
CA CYS A 17 4.93 -7.46 39.22
C CYS A 17 4.57 -8.94 39.30
N GLU A 18 3.51 -9.23 40.04
CA GLU A 18 3.02 -10.60 40.08
C GLU A 18 1.73 -10.70 39.30
N ALA A 19 1.21 -9.54 38.91
CA ALA A 19 0.02 -9.48 38.07
C ALA A 19 0.26 -10.16 36.73
N ILE A 20 -0.74 -10.90 36.27
CA ILE A 20 -0.67 -11.52 34.97
C ILE A 20 -0.92 -10.44 33.91
N ILE A 21 -0.14 -10.47 32.85
CA ILE A 21 -0.23 -9.48 31.80
C ILE A 21 -1.02 -10.08 30.63
N ARG A 22 -2.04 -9.35 30.16
CA ARG A 22 -2.97 -9.88 29.16
C ARG A 22 -3.17 -8.97 27.95
N PRO A 23 -2.14 -8.82 27.10
CA PRO A 23 -2.20 -7.87 25.99
C PRO A 23 -3.27 -8.25 24.97
N VAL A 24 -3.99 -7.27 24.44
CA VAL A 24 -4.92 -7.54 23.35
C VAL A 24 -4.26 -7.12 22.05
N PRO A 25 -3.73 -8.10 21.30
CA PRO A 25 -3.04 -7.76 20.06
C PRO A 25 -3.99 -7.21 19.00
N GLU A 26 -3.41 -6.53 18.03
CA GLU A 26 -4.19 -5.88 17.00
C GLU A 26 -4.97 -6.87 16.19
N HIS A 27 -4.42 -8.07 15.99
CA HIS A 27 -5.11 -9.06 15.18
C HIS A 27 -6.25 -9.74 15.94
N ARG A 28 -6.41 -9.47 17.24
CA ARG A 28 -7.55 -9.99 18.01
C ARG A 28 -8.58 -8.91 18.42
N ALA A 29 -8.17 -7.64 18.40
CA ALA A 29 -9.03 -6.54 18.86
C ALA A 29 -10.36 -6.45 18.13
N ASP A 30 -11.46 -6.38 18.89
CA ASP A 30 -12.77 -6.18 18.28
C ASP A 30 -12.88 -4.79 17.67
N GLN A 31 -14.02 -4.50 17.06
CA GLN A 31 -14.18 -3.27 16.28
C GLN A 31 -14.03 -2.03 17.16
N GLU A 32 -14.61 -2.08 18.35
CA GLU A 32 -14.57 -0.95 19.26
C GLU A 32 -13.15 -0.68 19.73
N LEU A 33 -12.42 -1.73 20.08
CA LEU A 33 -11.05 -1.56 20.54
C LEU A 33 -10.16 -1.08 19.41
N SER A 34 -10.44 -1.56 18.21
CA SER A 34 -9.63 -1.28 17.03
C SER A 34 -9.69 0.19 16.67
N GLU A 35 -10.83 0.85 16.94
CA GLU A 35 -10.93 2.27 16.65
C GLU A 35 -10.06 3.11 17.57
N ILE A 36 -9.97 2.71 18.83
CA ILE A 36 -9.09 3.40 19.75
C ILE A 36 -7.64 3.18 19.30
N TYR A 37 -7.32 1.93 18.98
CA TYR A 37 -6.02 1.56 18.42
C TYR A 37 -5.65 2.40 17.20
N ARG A 38 -6.63 2.58 16.31
CA ARG A 38 -6.43 3.37 15.11
C ARG A 38 -6.08 4.82 15.46
N ASP A 39 -6.85 5.40 16.38
CA ASP A 39 -6.63 6.78 16.83
C ASP A 39 -5.27 6.96 17.51
N LEU A 40 -4.87 5.95 18.28
CA LEU A 40 -3.60 5.97 19.00
C LEU A 40 -2.45 6.01 18.00
N LYS A 41 -2.53 5.15 16.98
CA LYS A 41 -1.50 5.10 15.94
C LYS A 41 -1.48 6.37 15.08
N ALA A 42 -2.65 6.88 14.73
CA ALA A 42 -2.74 8.09 13.94
C ALA A 42 -2.15 9.28 14.71
N THR A 43 -2.38 9.31 16.01
CA THR A 43 -1.94 10.42 16.85
C THR A 43 -0.44 10.37 17.11
N PHE A 44 0.06 9.20 17.48
CA PHE A 44 1.50 9.00 17.67
C PHE A 44 2.24 9.03 16.35
N GLY A 45 1.52 8.73 15.27
CA GLY A 45 2.12 8.64 13.95
C GLY A 45 2.97 7.38 13.75
N VAL A 46 2.56 6.28 14.37
CA VAL A 46 3.29 5.02 14.31
C VAL A 46 2.40 3.91 13.76
N PRO A 47 3.01 2.87 13.17
CA PRO A 47 2.23 1.81 12.52
C PRO A 47 1.93 0.61 13.41
N TRP A 48 2.24 0.71 14.70
CA TRP A 48 2.01 -0.42 15.58
C TRP A 48 1.42 0.04 16.92
N VAL A 49 0.57 -0.78 17.50
CA VAL A 49 0.11 -0.56 18.86
C VAL A 49 1.08 -1.24 19.83
N GLY A 50 1.67 -0.47 20.73
CA GLY A 50 2.59 -0.99 21.72
C GLY A 50 2.03 -2.10 22.59
N VAL A 51 2.86 -3.08 22.93
CA VAL A 51 2.45 -4.10 23.91
C VAL A 51 1.97 -3.42 25.22
N ILE A 52 2.61 -2.32 25.61
CA ILE A 52 2.18 -1.49 26.75
C ILE A 52 0.70 -1.11 26.63
N THR A 53 0.32 -0.58 25.49
CA THR A 53 -1.04 -0.18 25.32
C THR A 53 -1.95 -1.38 25.10
N GLN A 54 -1.43 -2.46 24.52
CA GLN A 54 -2.23 -3.69 24.44
C GLN A 54 -2.58 -4.25 25.81
N ALA A 55 -1.64 -4.16 26.74
CA ALA A 55 -1.85 -4.68 28.09
C ALA A 55 -2.79 -3.80 28.90
N VAL A 56 -2.66 -2.48 28.76
CA VAL A 56 -3.56 -1.57 29.44
C VAL A 56 -4.98 -1.73 28.91
N ALA A 57 -5.09 -2.03 27.62
CA ALA A 57 -6.38 -2.16 26.95
C ALA A 57 -7.23 -3.31 27.50
N TYR A 58 -6.57 -4.28 28.14
CA TYR A 58 -7.31 -5.32 28.84
C TYR A 58 -8.27 -4.70 29.85
N TYR A 59 -7.83 -3.65 30.54
CA TYR A 59 -8.69 -2.83 31.39
C TYR A 59 -9.35 -1.74 30.53
N ARG A 60 -10.25 -2.15 29.64
CA ARG A 60 -10.64 -1.31 28.51
C ARG A 60 -11.20 0.06 28.88
N PRO A 61 -12.15 0.13 29.83
CA PRO A 61 -12.66 1.49 30.07
C PRO A 61 -11.59 2.41 30.67
N PHE A 62 -10.61 1.86 31.36
CA PHE A 62 -9.52 2.70 31.87
C PHE A 62 -8.71 3.18 30.69
N PHE A 63 -8.36 2.25 29.80
CA PHE A 63 -7.58 2.54 28.60
C PHE A 63 -8.25 3.61 27.75
N ALA A 64 -9.55 3.47 27.52
CA ALA A 64 -10.29 4.46 26.74
C ALA A 64 -10.24 5.87 27.36
N GLU A 65 -10.40 5.93 28.68
CA GLU A 65 -10.46 7.23 29.36
C GLU A 65 -9.08 7.85 29.48
N ALA A 66 -8.09 7.06 29.84
CA ALA A 66 -6.72 7.55 29.94
C ALA A 66 -6.22 8.03 28.58
N TRP A 67 -6.60 7.34 27.51
CA TRP A 67 -6.22 7.81 26.18
C TRP A 67 -6.90 9.14 25.86
N ARG A 68 -8.19 9.22 26.15
CA ARG A 68 -8.98 10.43 25.92
C ARG A 68 -8.31 11.64 26.56
N ARG A 69 -7.82 11.46 27.78
CA ARG A 69 -7.19 12.53 28.55
C ARG A 69 -5.76 12.85 28.11
N PHE A 70 -5.01 11.85 27.67
CA PHE A 70 -3.64 12.06 27.25
C PHE A 70 -3.54 12.59 25.83
N ALA A 71 -4.48 12.18 24.99
CA ALA A 71 -4.44 12.48 23.57
C ALA A 71 -4.25 13.97 23.23
N PRO A 72 -4.93 14.89 23.94
CA PRO A 72 -4.69 16.30 23.58
C PRO A 72 -3.20 16.72 23.67
N SER A 73 -2.50 16.23 24.68
CA SER A 73 -1.08 16.52 24.81
C SER A 73 -0.22 15.83 23.72
N ALA A 74 -0.60 14.61 23.36
CA ALA A 74 0.12 13.82 22.37
C ALA A 74 0.07 14.45 20.97
N LYS A 75 -0.95 15.26 20.72
CA LYS A 75 -1.12 15.90 19.42
C LYS A 75 -0.22 17.15 19.22
N THR A 76 0.50 17.52 20.26
CA THR A 76 1.21 18.80 20.28
C THR A 76 2.68 18.75 19.88
N HIS A 77 3.12 19.91 19.40
CA HIS A 77 4.52 20.23 19.18
C HIS A 77 5.37 19.87 20.39
N PHE A 78 4.93 20.23 21.59
CA PHE A 78 5.68 19.85 22.80
C PHE A 78 5.98 18.34 22.84
N PHE A 79 4.96 17.52 22.62
CA PHE A 79 5.09 16.09 22.83
C PHE A 79 6.02 15.50 21.77
N GLU A 80 5.85 15.96 20.54
CA GLU A 80 6.72 15.59 19.43
C GLU A 80 8.18 15.85 19.80
N ARG A 81 8.45 17.05 20.27
CA ARG A 81 9.81 17.45 20.60
C ARG A 81 10.36 16.68 21.80
N ALA A 82 9.55 16.52 22.85
CA ALA A 82 9.98 15.79 24.05
C ALA A 82 10.34 14.34 23.72
N SER A 83 9.59 13.71 22.83
CA SER A 83 9.85 12.33 22.41
C SER A 83 11.13 12.26 21.60
N ASP A 84 11.24 13.12 20.60
CA ASP A 84 12.43 13.24 19.81
C ASP A 84 13.69 13.48 20.65
N ASP A 85 13.59 14.34 21.66
CA ASP A 85 14.74 14.64 22.51
C ASP A 85 15.18 13.43 23.32
N ILE A 86 14.26 12.50 23.56
CA ILE A 86 14.63 11.27 24.23
C ILE A 86 15.39 10.33 23.29
N ARG A 87 14.90 10.18 22.06
CA ARG A 87 15.64 9.50 21.00
C ARG A 87 17.06 10.05 20.89
N ILE A 88 17.16 11.38 20.83
CA ILE A 88 18.44 12.07 20.73
C ILE A 88 19.35 11.77 21.94
N ARG A 89 18.80 11.87 23.14
CA ARG A 89 19.58 11.58 24.35
C ARG A 89 20.11 10.14 24.33
N SER A 90 19.27 9.21 23.89
CA SER A 90 19.65 7.81 23.81
C SER A 90 20.81 7.61 22.84
N TRP A 91 20.69 8.21 21.65
CA TRP A 91 21.72 8.16 20.65
C TRP A 91 23.04 8.65 21.23
N GLU A 92 22.95 9.78 21.93
CA GLU A 92 24.08 10.45 22.56
C GLU A 92 24.76 9.54 23.58
N LEU A 93 23.98 8.99 24.50
CA LEU A 93 24.49 8.15 25.59
C LEU A 93 25.18 6.90 25.09
N MET A 94 24.51 6.18 24.21
CA MET A 94 25.02 4.91 23.72
C MET A 94 26.28 5.13 22.87
N GLY A 95 26.29 6.20 22.09
CA GLY A 95 27.47 6.58 21.34
C GLY A 95 28.68 6.91 22.21
N GLN A 96 28.46 7.62 23.30
CA GLN A 96 29.51 8.00 24.25
C GLN A 96 30.04 6.83 25.09
N SER A 97 29.18 5.93 25.51
CA SER A 97 29.54 4.96 26.53
C SER A 97 29.96 3.62 25.95
N PHE A 98 29.56 3.33 24.73
CA PHE A 98 29.87 2.02 24.16
C PHE A 98 30.59 2.12 22.83
N VAL A 99 31.58 1.25 22.65
CA VAL A 99 32.19 1.04 21.35
C VAL A 99 31.34 0.04 20.57
N ILE A 100 30.46 0.56 19.74
CA ILE A 100 29.51 -0.29 19.03
C ILE A 100 30.01 -0.54 17.62
N GLU A 101 30.62 -1.70 17.40
CA GLU A 101 31.13 -2.04 16.09
C GLU A 101 29.99 -2.28 15.11
N GLY A 102 30.20 -1.93 13.85
CA GLY A 102 29.19 -2.12 12.83
C GLY A 102 29.07 -3.57 12.39
N GLN A 103 27.85 -3.98 12.06
CA GLN A 103 27.57 -5.37 11.74
C GLN A 103 27.20 -5.57 10.28
N THR A 104 27.23 -4.50 9.51
CA THR A 104 26.88 -4.47 8.09
C THR A 104 27.69 -5.46 7.24
N ASP A 105 28.99 -5.50 7.45
CA ASP A 105 29.83 -6.43 6.70
C ASP A 105 29.52 -7.86 7.07
N ARG A 106 29.26 -8.09 8.34
CA ARG A 106 28.97 -9.42 8.84
C ARG A 106 27.64 -9.92 8.24
N LEU A 107 26.65 -9.04 8.18
CA LEU A 107 25.36 -9.37 7.59
C LEU A 107 25.53 -9.70 6.10
N ARG A 108 26.31 -8.89 5.39
CA ARG A 108 26.61 -9.19 3.99
C ARG A 108 27.25 -10.58 3.85
N GLU A 109 28.20 -10.89 4.72
CA GLU A 109 28.88 -12.18 4.68
C GLU A 109 27.92 -13.35 4.91
N MET A 110 26.84 -13.10 5.66
CA MET A 110 25.84 -14.12 5.91
C MET A 110 24.94 -14.31 4.69
N GLY A 111 24.99 -13.37 3.75
CA GLY A 111 24.15 -13.44 2.57
C GLY A 111 23.10 -12.36 2.43
N TYR A 112 23.02 -11.44 3.40
CA TYR A 112 22.07 -10.34 3.32
C TYR A 112 22.47 -9.33 2.27
N SER A 113 21.53 -8.96 1.41
CA SER A 113 21.79 -8.01 0.34
C SER A 113 21.65 -6.57 0.85
N VAL A 114 22.01 -5.62 0.00
CA VAL A 114 21.93 -4.20 0.34
C VAL A 114 20.49 -3.80 0.61
N ARG A 115 19.56 -4.30 -0.20
CA ARG A 115 18.14 -3.97 -0.02
C ARG A 115 17.57 -4.52 1.27
N GLU A 116 17.97 -5.74 1.61
CA GLU A 116 17.48 -6.39 2.81
C GLU A 116 17.98 -5.63 4.06
N ILE A 117 19.24 -5.22 4.04
CA ILE A 117 19.78 -4.50 5.17
C ILE A 117 19.05 -3.15 5.29
N GLY A 118 18.69 -2.56 4.15
CA GLY A 118 17.90 -1.36 4.13
C GLY A 118 16.55 -1.57 4.79
N GLN A 119 15.90 -2.69 4.50
CA GLN A 119 14.62 -3.03 5.10
C GLN A 119 14.76 -3.20 6.62
N ILE A 120 15.84 -3.83 7.04
CA ILE A 120 16.12 -4.01 8.46
C ILE A 120 16.26 -2.67 9.19
N ARG A 121 17.02 -1.76 8.59
CA ARG A 121 17.16 -0.41 9.13
C ARG A 121 15.81 0.30 9.29
N ALA A 122 14.97 0.17 8.27
CA ALA A 122 13.67 0.82 8.24
C ALA A 122 12.78 0.36 9.39
N VAL A 123 12.82 -0.94 9.69
CA VAL A 123 12.11 -1.50 10.83
C VAL A 123 12.64 -0.93 12.14
N LEU A 124 13.97 -0.87 12.27
CA LEU A 124 14.57 -0.26 13.46
C LEU A 124 14.17 1.22 13.64
N ASP A 125 14.05 1.95 12.54
CA ASP A 125 13.61 3.37 12.57
C ASP A 125 12.23 3.57 13.17
N ILE A 126 11.31 2.65 12.85
CA ILE A 126 9.95 2.70 13.38
C ILE A 126 9.95 2.74 14.89
N PHE A 127 10.68 1.82 15.49
CA PHE A 127 10.75 1.75 16.94
C PHE A 127 11.64 2.85 17.53
N ASP A 128 12.69 3.26 16.82
CA ASP A 128 13.56 4.35 17.30
C ASP A 128 12.72 5.63 17.47
N TYR A 129 11.77 5.84 16.54
CA TYR A 129 10.88 6.99 16.59
C TYR A 129 9.77 6.85 17.64
N GLY A 130 9.08 5.71 17.63
CA GLY A 130 7.87 5.54 18.40
C GLY A 130 8.02 5.29 19.88
N ASN A 131 9.02 4.50 20.26
CA ASN A 131 9.15 4.10 21.66
C ASN A 131 9.18 5.24 22.71
N PRO A 132 9.86 6.39 22.44
CA PRO A 132 9.78 7.47 23.42
C PRO A 132 8.37 7.96 23.68
N LYS A 133 7.52 7.95 22.67
CA LYS A 133 6.12 8.35 22.85
C LYS A 133 5.42 7.37 23.80
N TYR A 134 5.67 6.07 23.61
CA TYR A 134 5.11 5.06 24.50
C TYR A 134 5.66 5.20 25.91
N LEU A 135 6.97 5.47 26.00
CA LEU A 135 7.59 5.69 27.32
C LEU A 135 6.92 6.83 28.09
N ILE A 136 6.68 7.95 27.41
CA ILE A 136 6.07 9.09 28.08
C ILE A 136 4.62 8.79 28.47
N PHE A 137 3.87 8.15 27.58
CA PHE A 137 2.51 7.78 27.89
C PHE A 137 2.44 6.80 29.09
N ALA A 138 3.34 5.83 29.11
CA ALA A 138 3.33 4.84 30.17
C ALA A 138 3.65 5.52 31.50
N THR A 139 4.53 6.51 31.44
CA THR A 139 4.96 7.23 32.61
C THR A 139 3.77 8.04 33.17
N ALA A 140 3.01 8.65 32.27
CA ALA A 140 1.82 9.39 32.63
C ALA A 140 0.80 8.47 33.32
N ILE A 141 0.56 7.30 32.73
CA ILE A 141 -0.40 6.36 33.29
C ILE A 141 0.03 5.90 34.69
N LYS A 142 1.28 5.49 34.81
CA LYS A 142 1.81 5.04 36.09
C LYS A 142 1.76 6.13 37.17
N GLU A 143 2.35 7.27 36.87
CA GLU A 143 2.48 8.31 37.89
C GLU A 143 1.11 8.86 38.27
N GLY A 144 0.20 8.93 37.30
CA GLY A 144 -1.15 9.39 37.55
C GLY A 144 -1.89 8.48 38.52
N LEU A 145 -1.66 7.17 38.38
CA LEU A 145 -2.27 6.17 39.24
C LEU A 145 -1.63 6.14 40.62
N LEU A 146 -0.32 6.24 40.68
CA LEU A 146 0.40 6.17 41.94
C LEU A 146 0.20 7.40 42.82
N SER A 147 0.16 8.59 42.21
CA SER A 147 0.20 9.86 42.92
C SER A 147 -1.16 10.54 43.06
N GLY A 148 -2.05 10.28 42.11
CA GLY A 148 -3.32 10.97 42.02
C GLY A 148 -3.17 12.43 41.60
N ARG A 149 -1.97 12.81 41.20
CA ARG A 149 -1.68 14.19 40.84
C ARG A 149 -2.20 14.58 39.46
N THR A 150 -2.35 15.88 39.25
CA THR A 150 -2.70 16.42 37.95
C THR A 150 -1.43 16.98 37.30
N PHE A 151 -1.06 16.46 36.13
CA PHE A 151 0.22 16.81 35.52
C PHE A 151 0.06 17.79 34.36
N GLY A 152 0.88 18.84 34.37
CA GLY A 152 0.96 19.74 33.24
C GLY A 152 -0.19 20.72 33.12
N GLY A 153 -0.43 21.22 31.92
CA GLY A 153 -1.48 22.19 31.70
C GLY A 153 -1.07 23.60 32.10
N ALA A 154 0.23 23.84 32.15
CA ALA A 154 0.77 25.15 32.57
C ALA A 154 0.69 26.22 31.50
N ALA A 155 0.76 25.80 30.24
CA ALA A 155 0.61 26.71 29.09
C ALA A 155 1.48 27.97 29.18
N GLY A 156 2.78 27.83 28.93
CA GLY A 156 3.70 28.95 28.92
C GLY A 156 3.92 29.46 27.50
N ASP A 157 4.86 28.84 26.80
CA ASP A 157 5.12 29.16 25.40
C ASP A 157 3.95 28.67 24.57
N ALA A 158 3.30 29.57 23.84
CA ALA A 158 2.13 29.22 23.03
C ALA A 158 2.44 28.16 21.97
N ARG A 159 3.67 28.14 21.48
CA ARG A 159 4.04 27.23 20.40
C ARG A 159 4.01 25.78 20.87
N CYS A 160 4.09 25.57 22.18
CA CYS A 160 4.00 24.24 22.78
C CYS A 160 2.68 23.54 22.45
N HIS A 161 1.63 24.33 22.27
CA HIS A 161 0.29 23.83 22.03
C HIS A 161 -0.04 23.70 20.54
N PHE A 162 0.85 24.21 19.70
CA PHE A 162 0.75 24.05 18.25
C PHE A 162 0.68 22.55 17.89
N PRO A 163 0.12 22.24 16.71
CA PRO A 163 0.11 20.84 16.30
C PRO A 163 1.51 20.31 16.01
N ARG A 164 1.76 19.04 16.36
CA ARG A 164 3.04 18.40 16.09
C ARG A 164 3.35 18.37 14.62
N SER A 165 4.65 18.25 14.30
CA SER A 165 5.11 17.92 12.97
C SER A 165 4.20 16.86 12.38
N PRO A 166 3.53 17.19 11.26
CA PRO A 166 2.33 16.48 10.81
C PRO A 166 2.52 15.14 10.09
N ILE A 167 3.70 14.80 9.61
CA ILE A 167 3.80 13.61 8.78
C ILE A 167 3.89 12.35 9.65
N CYS A 168 3.48 11.22 9.07
CA CYS A 168 3.51 9.95 9.79
C CYS A 168 3.28 8.72 8.92
N GLN A 169 3.83 7.61 9.39
CA GLN A 169 3.64 6.30 8.77
C GLN A 169 2.80 5.41 9.68
N ILE A 170 1.56 5.12 9.29
CA ILE A 170 0.67 4.40 10.20
C ILE A 170 0.26 3.04 9.65
N ASP A 171 0.71 2.74 8.44
CA ASP A 171 0.48 1.44 7.80
C ASP A 171 1.76 1.03 7.09
N PRO A 172 1.99 -0.29 6.95
CA PRO A 172 1.20 -1.37 7.55
C PRO A 172 1.71 -1.70 8.96
N ILE A 173 0.98 -2.53 9.68
CA ILE A 173 1.51 -3.10 10.92
C ILE A 173 2.79 -3.86 10.55
N PRO A 174 3.89 -3.61 11.28
CA PRO A 174 5.11 -4.34 10.93
C PRO A 174 4.93 -5.83 11.10
N VAL A 175 5.65 -6.61 10.29
CA VAL A 175 5.61 -8.06 10.41
C VAL A 175 6.28 -8.49 11.70
N MET A 176 5.53 -9.19 12.53
CA MET A 176 6.00 -9.60 13.84
C MET A 176 5.80 -11.09 14.05
N VAL A 177 6.86 -11.78 14.47
CA VAL A 177 6.75 -13.21 14.69
C VAL A 177 6.33 -13.43 16.13
N GLU A 178 5.02 -13.58 16.31
CA GLU A 178 4.41 -13.81 17.61
C GLU A 178 4.91 -15.10 18.24
N GLU A 179 4.83 -15.19 19.56
CA GLU A 179 5.30 -16.36 20.29
C GLU A 179 4.65 -17.65 19.81
N HIS A 180 3.38 -17.61 19.46
CA HIS A 180 2.71 -18.81 18.94
C HIS A 180 3.04 -19.08 17.46
N HIS A 181 3.61 -18.09 16.76
CA HIS A 181 4.16 -18.32 15.42
C HIS A 181 5.50 -19.03 15.53
N ALA A 182 6.24 -18.72 16.59
CA ALA A 182 7.66 -19.06 16.65
C ALA A 182 7.91 -20.55 16.84
N GLY A 183 8.95 -21.03 16.17
CA GLY A 183 9.41 -22.39 16.35
C GLY A 183 10.34 -22.53 17.55
N GLY A 184 11.02 -23.66 17.64
CA GLY A 184 11.83 -23.98 18.78
C GLY A 184 13.00 -23.04 19.01
N THR A 185 13.87 -22.94 18.02
CA THR A 185 15.10 -22.15 18.12
C THR A 185 14.81 -20.66 18.37
N LEU A 186 13.78 -20.13 17.71
CA LEU A 186 13.38 -18.75 17.94
C LEU A 186 12.82 -18.60 19.34
N SER A 187 12.09 -19.62 19.81
CA SER A 187 11.55 -19.59 21.16
C SER A 187 12.63 -19.52 22.23
N GLN A 188 13.80 -20.09 21.95
CA GLN A 188 14.91 -20.04 22.90
C GLN A 188 15.56 -18.66 22.93
N VAL A 189 15.58 -17.98 21.79
CA VAL A 189 16.09 -16.61 21.75
C VAL A 189 15.12 -15.69 22.51
N TYR A 190 13.83 -15.94 22.34
CA TYR A 190 12.82 -15.19 23.07
C TYR A 190 12.98 -15.45 24.57
N ALA A 191 13.29 -16.69 24.94
CA ALA A 191 13.44 -17.04 26.34
C ALA A 191 14.66 -16.33 26.95
N ASP A 192 15.73 -16.30 26.18
CA ASP A 192 16.96 -15.59 26.56
C ASP A 192 16.72 -14.09 26.75
N ILE A 193 15.96 -13.48 25.83
CA ILE A 193 15.67 -12.07 25.92
C ILE A 193 14.83 -11.78 27.16
N LYS A 194 13.81 -12.60 27.40
CA LYS A 194 12.95 -12.45 28.55
C LYS A 194 13.72 -12.50 29.85
N GLN A 195 14.63 -13.47 29.96
CA GLN A 195 15.38 -13.67 31.18
C GLN A 195 16.37 -12.55 31.40
N THR A 196 17.08 -12.17 30.35
CA THR A 196 18.12 -11.17 30.43
C THR A 196 17.51 -9.80 30.76
N LEU A 197 16.35 -9.50 30.18
CA LEU A 197 15.70 -8.21 30.39
C LEU A 197 14.72 -8.22 31.56
N GLN A 198 14.52 -9.39 32.16
CA GLN A 198 13.61 -9.56 33.28
C GLN A 198 12.17 -9.18 32.92
N LEU A 199 11.68 -9.71 31.80
CA LEU A 199 10.32 -9.43 31.35
C LEU A 199 9.58 -10.74 31.07
N PRO A 200 8.26 -10.75 31.29
CA PRO A 200 7.44 -11.93 30.99
C PRO A 200 6.84 -11.89 29.58
N PHE A 201 7.27 -10.95 28.75
CA PHE A 201 6.74 -10.81 27.41
C PHE A 201 7.85 -10.47 26.43
N ILE A 202 7.58 -10.66 25.14
CA ILE A 202 8.50 -10.26 24.10
C ILE A 202 8.03 -8.97 23.45
N ASN A 203 8.88 -7.95 23.46
CA ASN A 203 8.52 -6.66 22.86
C ASN A 203 8.25 -6.75 21.35
N SER A 204 7.36 -5.91 20.85
CA SER A 204 7.10 -5.78 19.41
C SER A 204 8.38 -5.67 18.57
N ASP A 205 9.36 -4.93 19.11
CA ASP A 205 10.63 -4.65 18.45
C ASP A 205 11.38 -5.93 18.12
N TYR A 206 11.49 -6.82 19.09
CA TYR A 206 12.25 -8.06 18.91
C TYR A 206 11.50 -9.00 17.99
N LYS A 207 10.17 -9.02 18.09
CA LYS A 207 9.33 -9.84 17.21
C LYS A 207 9.42 -9.40 15.75
N ALA A 208 9.62 -8.10 15.52
CA ALA A 208 9.75 -7.60 14.16
C ALA A 208 11.14 -7.89 13.60
N MET A 209 12.16 -7.79 14.44
CA MET A 209 13.49 -8.19 14.02
C MET A 209 13.53 -9.68 13.71
N ALA A 210 12.68 -10.44 14.39
CA ALA A 210 12.65 -11.89 14.23
C ALA A 210 12.09 -12.34 12.87
N ARG A 211 11.55 -11.42 12.09
CA ARG A 211 11.24 -11.69 10.67
C ARG A 211 12.52 -12.16 9.97
N TRP A 212 13.67 -11.74 10.51
CA TRP A 212 14.98 -12.18 10.07
C TRP A 212 15.74 -12.83 11.23
N PRO A 213 15.43 -14.10 11.53
CA PRO A 213 15.96 -14.74 12.73
C PRO A 213 17.48 -14.66 12.90
N SER A 214 18.25 -14.81 11.82
CA SER A 214 19.71 -14.78 11.95
C SER A 214 20.21 -13.36 12.16
N TYR A 215 19.45 -12.38 11.70
CA TYR A 215 19.78 -11.00 12.05
C TYR A 215 19.49 -10.74 13.54
N LEU A 216 18.32 -11.17 14.04
CA LEU A 216 18.00 -10.97 15.45
C LEU A 216 19.04 -11.63 16.36
N GLU A 217 19.40 -12.87 16.03
CA GLU A 217 20.42 -13.59 16.79
C GLU A 217 21.71 -12.79 16.88
N GLN A 218 22.15 -12.23 15.75
CA GLN A 218 23.34 -11.40 15.73
C GLN A 218 23.18 -10.10 16.52
N ALA A 219 22.08 -9.38 16.28
CA ALA A 219 21.89 -8.08 16.88
C ALA A 219 21.75 -8.21 18.39
N TRP A 220 20.96 -9.18 18.82
CA TRP A 220 20.77 -9.42 20.25
C TRP A 220 22.06 -9.91 20.90
N GLY A 221 22.80 -10.76 20.21
CA GLY A 221 24.07 -11.26 20.74
C GLY A 221 25.09 -10.15 20.98
N ALA A 222 25.09 -9.15 20.13
CA ALA A 222 25.98 -8.00 20.33
C ALA A 222 25.51 -7.08 21.44
N LEU A 223 24.19 -6.98 21.62
CA LEU A 223 23.64 -6.11 22.66
C LEU A 223 23.80 -6.72 24.04
N LYS A 224 23.48 -8.00 24.16
CA LYS A 224 23.35 -8.66 25.46
C LYS A 224 24.46 -8.32 26.48
N PRO A 225 25.75 -8.36 26.08
CA PRO A 225 26.79 -8.05 27.07
C PRO A 225 26.72 -6.65 27.65
N CYS A 226 26.09 -5.71 26.95
CA CYS A 226 26.01 -4.34 27.45
C CYS A 226 24.93 -4.15 28.51
N ILE A 227 23.96 -5.06 28.54
CA ILE A 227 22.82 -4.90 29.42
C ILE A 227 23.29 -4.88 30.87
N ASP A 228 22.86 -3.86 31.61
CA ASP A 228 23.18 -3.77 33.03
C ASP A 228 24.68 -3.69 33.36
N THR A 229 25.51 -3.28 32.39
CA THR A 229 26.78 -2.65 32.72
C THR A 229 26.47 -1.32 33.42
N PRO A 230 27.45 -0.74 34.15
CA PRO A 230 27.20 0.55 34.80
C PRO A 230 26.75 1.65 33.84
N ALA A 231 27.39 1.74 32.67
CA ALA A 231 27.02 2.78 31.71
C ALA A 231 25.59 2.57 31.20
N TYR A 232 25.21 1.34 30.90
CA TYR A 232 23.85 1.06 30.44
C TYR A 232 22.86 1.49 31.51
N GLN A 233 23.15 1.10 32.75
CA GLN A 233 22.26 1.36 33.87
C GLN A 233 22.12 2.85 34.15
N ALA A 234 23.24 3.56 34.14
CA ALA A 234 23.22 5.00 34.35
C ALA A 234 22.45 5.69 33.23
N GLY A 235 22.72 5.29 31.99
CA GLY A 235 21.98 5.80 30.85
C GLY A 235 20.48 5.57 30.98
N ARG A 236 20.10 4.38 31.43
CA ARG A 236 18.68 4.03 31.56
C ARG A 236 17.97 4.93 32.57
N PHE A 237 18.62 5.15 33.71
CA PHE A 237 18.14 6.04 34.73
C PHE A 237 17.91 7.43 34.14
N ASP A 238 18.88 7.91 33.37
CA ASP A 238 18.77 9.22 32.73
C ASP A 238 17.55 9.28 31.78
N ILE A 239 17.35 8.25 30.96
CA ILE A 239 16.21 8.20 30.05
C ILE A 239 14.90 8.27 30.83
N ASN A 240 14.80 7.50 31.91
CA ASN A 240 13.65 7.55 32.81
C ASN A 240 13.37 8.96 33.35
N ALA A 241 14.42 9.64 33.80
CA ALA A 241 14.31 11.00 34.32
C ALA A 241 13.74 11.95 33.26
N ARG A 242 14.21 11.82 32.03
CA ARG A 242 13.69 12.60 30.91
C ARG A 242 12.18 12.38 30.74
N ALA A 243 11.73 11.15 30.91
CA ALA A 243 10.31 10.83 30.72
C ALA A 243 9.46 11.46 31.82
N LEU A 244 9.95 11.42 33.05
CA LEU A 244 9.28 12.07 34.18
C LEU A 244 9.24 13.59 34.00
N ALA A 245 10.34 14.17 33.54
CA ALA A 245 10.37 15.59 33.26
C ALA A 245 9.33 15.98 32.21
N ALA A 246 9.14 15.15 31.18
CA ALA A 246 8.13 15.43 30.15
C ALA A 246 6.69 15.40 30.69
N LEU A 247 6.42 14.46 31.59
CA LEU A 247 5.10 14.36 32.20
C LEU A 247 4.75 15.68 32.89
N ASP A 248 5.74 16.27 33.57
CA ASP A 248 5.52 17.49 34.34
C ASP A 248 5.23 18.69 33.44
N ALA A 249 5.64 18.61 32.18
CA ALA A 249 5.45 19.70 31.23
C ALA A 249 4.38 19.47 30.15
N LEU A 250 3.50 18.48 30.30
CA LEU A 250 2.38 18.28 29.37
C LEU A 250 1.61 19.57 29.17
N PRO A 251 1.31 19.92 27.92
CA PRO A 251 0.65 21.20 27.62
C PRO A 251 -0.82 21.21 28.05
N THR A 252 -1.46 20.05 28.00
CA THR A 252 -2.81 19.89 28.52
C THR A 252 -2.76 19.01 29.76
N ALA A 253 -3.42 19.45 30.82
CA ALA A 253 -3.36 18.73 32.10
C ALA A 253 -3.85 17.30 31.93
N TYR A 254 -3.16 16.38 32.60
CA TYR A 254 -3.54 14.99 32.64
C TYR A 254 -3.72 14.57 34.09
N ARG A 255 -4.89 14.01 34.38
CA ARG A 255 -5.16 13.38 35.66
C ARG A 255 -5.92 12.10 35.39
N MET A 256 -5.48 11.02 36.03
CA MET A 256 -6.16 9.74 35.92
C MET A 256 -5.71 8.92 37.14
N SER A 257 -6.42 9.13 38.24
CA SER A 257 -6.08 8.55 39.53
C SER A 257 -6.78 7.22 39.78
N ARG A 258 -6.54 6.64 40.95
CA ARG A 258 -7.29 5.45 41.37
C ARG A 258 -8.78 5.72 41.33
N ASP A 259 -9.20 6.86 41.88
CA ASP A 259 -10.61 7.17 41.91
C ASP A 259 -11.15 7.34 40.48
N ASP A 260 -10.36 7.96 39.60
CA ASP A 260 -10.74 8.01 38.19
C ASP A 260 -10.85 6.62 37.59
N ALA A 261 -9.97 5.71 37.99
CA ALA A 261 -10.02 4.34 37.48
C ALA A 261 -11.31 3.67 37.97
N LEU A 262 -11.65 3.88 39.23
CA LEU A 262 -12.88 3.31 39.77
C LEU A 262 -14.10 3.89 39.06
N GLN A 263 -14.10 5.21 38.86
CA GLN A 263 -15.15 5.89 38.12
C GLN A 263 -15.34 5.32 36.73
N ALA A 264 -14.23 4.98 36.10
CA ALA A 264 -14.27 4.46 34.75
C ALA A 264 -14.83 3.03 34.73
N GLY A 265 -14.87 2.36 35.87
CA GLY A 265 -15.47 1.04 35.94
C GLY A 265 -14.52 -0.09 36.29
N LEU A 266 -13.33 0.25 36.73
CA LEU A 266 -12.42 -0.78 37.22
C LEU A 266 -12.77 -1.10 38.67
N SER A 267 -12.58 -2.35 39.07
CA SER A 267 -12.69 -2.71 40.47
C SER A 267 -11.41 -2.28 41.20
N GLU A 268 -11.45 -2.29 42.53
CA GLU A 268 -10.27 -2.06 43.36
C GLU A 268 -9.16 -3.08 43.06
N ALA A 269 -9.54 -4.34 42.85
CA ALA A 269 -8.55 -5.38 42.57
C ALA A 269 -7.93 -5.21 41.17
N GLN A 270 -8.74 -4.88 40.17
CA GLN A 270 -8.22 -4.59 38.85
C GLN A 270 -7.27 -3.40 38.88
N THR A 271 -7.63 -2.38 39.66
CA THR A 271 -6.80 -1.19 39.74
C THR A 271 -5.45 -1.52 40.34
N ASP A 272 -5.42 -2.36 41.39
CA ASP A 272 -4.15 -2.82 41.95
C ASP A 272 -3.32 -3.54 40.91
N GLU A 273 -3.99 -4.43 40.17
CA GLU A 273 -3.36 -5.21 39.11
C GLU A 273 -2.77 -4.31 38.04
N LEU A 274 -3.57 -3.33 37.61
CA LEU A 274 -3.17 -2.39 36.57
C LEU A 274 -1.91 -1.62 36.99
N ILE A 275 -1.85 -1.24 38.27
CA ILE A 275 -0.70 -0.50 38.76
C ILE A 275 0.59 -1.31 38.60
N GLN A 276 0.53 -2.60 38.95
CA GLN A 276 1.67 -3.48 38.77
C GLN A 276 2.05 -3.61 37.31
N VAL A 277 1.04 -3.83 36.46
CA VAL A 277 1.24 -4.01 35.03
C VAL A 277 1.92 -2.80 34.41
N ILE A 278 1.34 -1.61 34.58
CA ILE A 278 1.91 -0.40 33.99
C ILE A 278 3.28 -0.07 34.57
N SER A 279 3.52 -0.38 35.85
CA SER A 279 4.82 -0.11 36.46
C SER A 279 5.93 -0.88 35.77
N LEU A 280 5.65 -2.15 35.48
CA LEU A 280 6.62 -2.99 34.80
C LEU A 280 6.87 -2.48 33.39
N PHE A 281 5.80 -2.17 32.65
CA PHE A 281 5.99 -1.70 31.28
C PHE A 281 6.77 -0.39 31.22
N GLN A 282 6.44 0.52 32.12
CA GLN A 282 7.12 1.81 32.19
C GLN A 282 8.63 1.65 32.45
N TRP A 283 8.98 0.78 33.39
CA TRP A 283 10.37 0.47 33.66
C TRP A 283 11.05 -0.15 32.42
N MET A 284 10.40 -1.15 31.83
CA MET A 284 10.86 -1.81 30.62
C MET A 284 11.25 -0.82 29.51
N LEU A 285 10.44 0.23 29.36
CA LEU A 285 10.51 1.09 28.18
C LEU A 285 11.79 1.95 28.12
N SER A 286 12.36 2.31 29.26
CA SER A 286 13.62 3.06 29.22
C SER A 286 14.74 2.16 28.69
N GLY A 287 14.71 0.89 29.07
CA GLY A 287 15.66 -0.09 28.55
C GLY A 287 15.48 -0.35 27.05
N LEU A 288 14.23 -0.47 26.61
CA LEU A 288 13.93 -0.71 25.20
C LEU A 288 14.47 0.40 24.30
N VAL A 289 14.34 1.65 24.76
CA VAL A 289 14.88 2.78 24.03
C VAL A 289 16.39 2.62 23.81
N LEU A 290 17.13 2.28 24.86
CA LEU A 290 18.57 2.09 24.76
C LEU A 290 18.90 0.91 23.85
N ASN A 291 18.10 -0.14 23.91
CA ASN A 291 18.36 -1.35 23.11
C ASN A 291 18.19 -1.07 21.62
N VAL A 292 17.13 -0.39 21.27
CA VAL A 292 16.87 -0.08 19.87
C VAL A 292 17.97 0.84 19.33
N THR A 293 18.42 1.78 20.16
CA THR A 293 19.52 2.66 19.78
C THR A 293 20.76 1.83 19.46
N HIS A 294 21.05 0.85 20.30
CA HIS A 294 22.18 -0.04 20.09
C HIS A 294 22.09 -0.80 18.76
N PHE A 295 20.92 -1.38 18.48
CA PHE A 295 20.67 -2.07 17.24
C PHE A 295 20.92 -1.16 16.04
N LYS A 296 20.34 0.03 16.09
CA LYS A 296 20.43 1.00 15.02
C LYS A 296 21.88 1.41 14.74
N GLN A 297 22.65 1.60 15.81
CA GLN A 297 24.03 2.01 15.67
C GLN A 297 24.88 0.85 15.14
N GLN A 298 24.57 -0.37 15.54
CA GLN A 298 25.21 -1.55 14.95
C GLN A 298 25.02 -1.59 13.43
N ALA A 299 23.83 -1.21 12.97
CA ALA A 299 23.48 -1.38 11.56
C ALA A 299 23.79 -0.14 10.74
N LEU A 300 24.48 0.83 11.33
CA LEU A 300 24.87 2.04 10.62
C LEU A 300 25.69 1.74 9.36
N LEU B 10 8.58 45.73 5.32
CA LEU B 10 9.45 44.63 4.92
C LEU B 10 8.87 43.89 3.73
N GLN B 11 9.69 43.70 2.70
CA GLN B 11 9.19 43.22 1.43
C GLN B 11 10.19 42.41 0.60
N LEU B 12 9.72 41.28 0.07
CA LEU B 12 10.44 40.47 -0.90
C LEU B 12 10.01 40.78 -2.32
N PRO B 13 10.87 41.46 -3.08
CA PRO B 13 10.62 41.71 -4.50
C PRO B 13 10.76 40.44 -5.36
N ARG B 14 9.83 40.24 -6.30
CA ARG B 14 9.92 39.15 -7.26
C ARG B 14 11.12 39.36 -8.17
N PRO B 15 11.95 38.32 -8.33
CA PRO B 15 13.11 38.45 -9.21
C PRO B 15 12.68 38.49 -10.66
N VAL B 16 13.57 38.88 -11.56
CA VAL B 16 13.26 38.82 -12.98
C VAL B 16 13.59 37.43 -13.52
N CYS B 17 12.66 36.85 -14.26
CA CYS B 17 12.87 35.51 -14.81
C CYS B 17 12.35 35.44 -16.24
N GLU B 18 13.27 35.60 -17.19
CA GLU B 18 12.91 35.49 -18.59
C GLU B 18 13.13 34.05 -19.07
N ALA B 19 13.82 33.28 -18.25
CA ALA B 19 14.13 31.89 -18.57
C ALA B 19 12.89 31.01 -18.60
N ILE B 20 12.88 30.09 -19.56
CA ILE B 20 11.81 29.11 -19.64
C ILE B 20 12.07 28.01 -18.60
N ILE B 21 11.02 27.60 -17.93
CA ILE B 21 11.11 26.59 -16.87
C ILE B 21 10.68 25.24 -17.42
N ARG B 22 11.45 24.20 -17.16
CA ARG B 22 11.25 22.92 -17.81
C ARG B 22 11.22 21.74 -16.82
N PRO B 23 10.19 21.68 -15.96
CA PRO B 23 10.09 20.61 -14.97
C PRO B 23 10.11 19.21 -15.60
N VAL B 24 10.82 18.27 -14.99
CA VAL B 24 10.66 16.87 -15.39
C VAL B 24 9.81 16.18 -14.34
N PRO B 25 8.53 15.97 -14.65
CA PRO B 25 7.61 15.34 -13.70
C PRO B 25 8.02 13.91 -13.39
N GLU B 26 7.64 13.42 -12.22
CA GLU B 26 7.99 12.07 -11.82
C GLU B 26 7.47 11.04 -12.81
N HIS B 27 6.32 11.29 -13.43
CA HIS B 27 5.76 10.29 -14.33
C HIS B 27 6.48 10.26 -15.68
N ARG B 28 7.36 11.22 -15.91
CA ARG B 28 8.17 11.23 -17.14
C ARG B 28 9.63 10.90 -16.92
N ALA B 29 10.10 11.00 -15.67
CA ALA B 29 11.53 10.86 -15.39
C ALA B 29 12.06 9.48 -15.77
N ASP B 30 13.24 9.44 -16.38
CA ASP B 30 13.85 8.18 -16.75
C ASP B 30 14.46 7.50 -15.52
N GLN B 31 15.07 6.35 -15.73
CA GLN B 31 15.49 5.50 -14.63
C GLN B 31 16.55 6.18 -13.74
N GLU B 32 17.58 6.75 -14.37
CA GLU B 32 18.63 7.44 -13.62
C GLU B 32 18.09 8.61 -12.79
N LEU B 33 17.29 9.46 -13.42
CA LEU B 33 16.70 10.60 -12.71
C LEU B 33 15.73 10.14 -11.60
N SER B 34 14.97 9.07 -11.87
CA SER B 34 14.00 8.57 -10.89
C SER B 34 14.69 8.06 -9.64
N GLU B 35 15.91 7.57 -9.80
CA GLU B 35 16.73 7.14 -8.68
C GLU B 35 17.15 8.32 -7.80
N ILE B 36 17.48 9.45 -8.42
CA ILE B 36 17.80 10.64 -7.65
C ILE B 36 16.53 11.16 -6.98
N TYR B 37 15.42 11.14 -7.72
CA TYR B 37 14.12 11.51 -7.18
C TYR B 37 13.76 10.69 -5.96
N ARG B 38 14.02 9.38 -6.02
CA ARG B 38 13.67 8.49 -4.93
C ARG B 38 14.49 8.82 -3.69
N ASP B 39 15.76 9.13 -3.90
CA ASP B 39 16.66 9.42 -2.81
C ASP B 39 16.29 10.74 -2.15
N LEU B 40 15.94 11.73 -2.97
CA LEU B 40 15.45 13.01 -2.50
C LEU B 40 14.24 12.82 -1.58
N LYS B 41 13.27 12.05 -2.05
CA LYS B 41 12.05 11.81 -1.29
C LYS B 41 12.34 11.08 0.00
N ALA B 42 13.16 10.06 -0.07
CA ALA B 42 13.51 9.25 1.08
C ALA B 42 14.23 10.08 2.15
N THR B 43 15.13 10.95 1.71
CA THR B 43 15.89 11.79 2.63
C THR B 43 15.04 12.89 3.25
N PHE B 44 14.26 13.58 2.43
CA PHE B 44 13.34 14.60 2.93
C PHE B 44 12.21 13.94 3.71
N GLY B 45 11.90 12.69 3.39
CA GLY B 45 10.79 12.02 4.03
C GLY B 45 9.43 12.45 3.51
N VAL B 46 9.35 12.78 2.23
CA VAL B 46 8.13 13.28 1.60
C VAL B 46 7.73 12.43 0.38
N PRO B 47 6.45 12.39 0.04
CA PRO B 47 5.98 11.49 -1.02
C PRO B 47 5.97 12.09 -2.43
N TRP B 48 6.47 13.32 -2.58
CA TRP B 48 6.42 14.04 -3.84
C TRP B 48 7.74 14.74 -4.14
N VAL B 49 8.10 14.83 -5.42
CA VAL B 49 9.22 15.64 -5.86
C VAL B 49 8.73 17.03 -6.21
N GLY B 50 9.24 18.04 -5.51
CA GLY B 50 8.80 19.41 -5.73
C GLY B 50 9.05 19.87 -7.14
N VAL B 51 8.20 20.75 -7.65
CA VAL B 51 8.44 21.34 -8.97
C VAL B 51 9.79 22.09 -9.01
N ILE B 52 10.21 22.64 -7.88
CA ILE B 52 11.53 23.25 -7.72
C ILE B 52 12.61 22.28 -8.17
N THR B 53 12.59 21.08 -7.63
CA THR B 53 13.61 20.11 -7.95
C THR B 53 13.38 19.52 -9.36
N GLN B 54 12.13 19.40 -9.79
CA GLN B 54 11.85 19.01 -11.18
C GLN B 54 12.46 19.97 -12.20
N ALA B 55 12.39 21.28 -11.92
CA ALA B 55 12.94 22.32 -12.78
C ALA B 55 14.46 22.37 -12.76
N VAL B 56 15.05 22.19 -11.57
CA VAL B 56 16.51 22.13 -11.48
C VAL B 56 17.02 20.84 -12.14
N ALA B 57 16.23 19.76 -12.08
CA ALA B 57 16.57 18.49 -12.74
C ALA B 57 16.80 18.64 -14.24
N TYR B 58 16.22 19.66 -14.86
CA TYR B 58 16.51 19.89 -16.29
C TYR B 58 18.00 20.10 -16.48
N TYR B 59 18.63 20.80 -15.54
CA TYR B 59 20.08 20.96 -15.51
C TYR B 59 20.72 19.80 -14.77
N ARG B 60 20.60 18.59 -15.34
CA ARG B 60 20.79 17.38 -14.57
C ARG B 60 22.17 17.24 -13.92
N PRO B 61 23.27 17.55 -14.64
CA PRO B 61 24.57 17.44 -13.94
C PRO B 61 24.72 18.39 -12.75
N PHE B 62 24.17 19.59 -12.82
CA PHE B 62 24.18 20.45 -11.65
C PHE B 62 23.31 19.86 -10.53
N PHE B 63 22.11 19.42 -10.90
CA PHE B 63 21.14 18.89 -9.94
C PHE B 63 21.74 17.73 -9.16
N ALA B 64 22.34 16.79 -9.87
CA ALA B 64 22.94 15.62 -9.23
C ALA B 64 24.05 16.01 -8.25
N GLU B 65 24.89 16.97 -8.62
CA GLU B 65 25.98 17.37 -7.75
C GLU B 65 25.49 18.24 -6.57
N ALA B 66 24.56 19.15 -6.83
CA ALA B 66 23.96 19.94 -5.76
C ALA B 66 23.32 19.05 -4.72
N TRP B 67 22.55 18.05 -5.16
CA TRP B 67 21.94 17.13 -4.22
C TRP B 67 23.00 16.37 -3.45
N ARG B 68 24.01 15.89 -4.15
CA ARG B 68 25.15 15.18 -3.57
C ARG B 68 25.75 15.98 -2.39
N ARG B 69 25.90 17.28 -2.58
CA ARG B 69 26.50 18.16 -1.58
C ARG B 69 25.54 18.56 -0.47
N PHE B 70 24.24 18.60 -0.79
CA PHE B 70 23.24 19.08 0.15
C PHE B 70 22.68 17.96 1.04
N ALA B 71 22.55 16.76 0.47
CA ALA B 71 22.01 15.60 1.17
C ALA B 71 22.61 15.31 2.56
N PRO B 72 23.95 15.42 2.74
CA PRO B 72 24.46 15.18 4.10
C PRO B 72 23.82 16.06 5.18
N SER B 73 23.60 17.33 4.89
CA SER B 73 22.90 18.22 5.81
C SER B 73 21.41 17.86 5.97
N ALA B 74 20.77 17.56 4.85
CA ALA B 74 19.35 17.18 4.81
C ALA B 74 19.03 15.98 5.72
N LYS B 75 20.00 15.10 5.89
CA LYS B 75 19.81 13.90 6.70
C LYS B 75 19.90 14.17 8.20
N THR B 76 20.24 15.39 8.60
CA THR B 76 20.51 15.68 10.00
C THR B 76 19.32 16.20 10.83
N HIS B 77 19.43 15.93 12.13
CA HIS B 77 18.63 16.54 13.17
C HIS B 77 18.50 18.05 12.98
N PHE B 78 19.62 18.72 12.70
CA PHE B 78 19.58 20.17 12.49
C PHE B 78 18.56 20.52 11.40
N PHE B 79 18.64 19.82 10.28
CA PHE B 79 17.79 20.15 9.15
C PHE B 79 16.31 19.87 9.47
N GLU B 80 16.05 18.75 10.13
CA GLU B 80 14.70 18.41 10.52
C GLU B 80 14.10 19.52 11.37
N ARG B 81 14.87 20.04 12.33
CA ARG B 81 14.41 21.03 13.30
C ARG B 81 14.28 22.42 12.68
N ALA B 82 15.22 22.80 11.83
CA ALA B 82 15.14 24.11 11.15
C ALA B 82 13.95 24.17 10.19
N SER B 83 13.70 23.08 9.49
CA SER B 83 12.53 23.00 8.62
C SER B 83 11.25 23.07 9.44
N ASP B 84 11.21 22.33 10.54
CA ASP B 84 10.05 22.30 11.43
C ASP B 84 9.78 23.68 12.05
N ASP B 85 10.84 24.38 12.43
CA ASP B 85 10.70 25.73 12.98
C ASP B 85 10.15 26.73 11.95
N ILE B 86 10.38 26.48 10.67
CA ILE B 86 9.78 27.33 9.66
C ILE B 86 8.27 27.08 9.64
N ARG B 87 7.86 25.81 9.65
CA ARG B 87 6.44 25.46 9.70
C ARG B 87 5.76 26.11 10.92
N ILE B 88 6.46 26.06 12.06
CA ILE B 88 5.94 26.60 13.29
C ILE B 88 5.77 28.11 13.18
N ARG B 89 6.80 28.76 12.61
CA ARG B 89 6.80 30.21 12.46
C ARG B 89 5.67 30.64 11.54
N SER B 90 5.46 29.91 10.45
CA SER B 90 4.37 30.22 9.52
C SER B 90 3.00 30.11 10.21
N TRP B 91 2.83 29.05 10.99
CA TRP B 91 1.62 28.83 11.79
C TRP B 91 1.36 30.04 12.72
N GLU B 92 2.42 30.47 13.38
CA GLU B 92 2.42 31.61 14.28
C GLU B 92 2.06 32.93 13.57
N LEU B 93 2.77 33.24 12.49
CA LEU B 93 2.51 34.44 11.69
C LEU B 93 1.10 34.54 11.16
N MET B 94 0.63 33.51 10.47
CA MET B 94 -0.70 33.55 9.86
C MET B 94 -1.79 33.60 10.93
N GLY B 95 -1.55 32.97 12.07
CA GLY B 95 -2.51 32.98 13.16
C GLY B 95 -2.69 34.37 13.73
N GLN B 96 -1.59 35.10 13.88
CA GLN B 96 -1.60 36.45 14.43
C GLN B 96 -2.03 37.49 13.41
N SER B 97 -1.64 37.30 12.15
CA SER B 97 -1.81 38.36 11.15
C SER B 97 -3.15 38.36 10.45
N PHE B 98 -3.87 37.24 10.52
CA PHE B 98 -5.11 37.12 9.77
C PHE B 98 -6.21 36.45 10.56
N VAL B 99 -7.43 36.91 10.33
CA VAL B 99 -8.62 36.22 10.82
C VAL B 99 -8.96 35.15 9.81
N ILE B 100 -8.72 33.90 10.17
CA ILE B 100 -8.91 32.83 9.23
C ILE B 100 -10.11 32.02 9.67
N GLU B 101 -11.23 32.25 9.00
CA GLU B 101 -12.49 31.57 9.30
C GLU B 101 -12.44 30.10 8.96
N GLY B 102 -13.02 29.28 9.83
CA GLY B 102 -13.11 27.86 9.58
C GLY B 102 -14.06 27.59 8.43
N GLN B 103 -13.72 26.60 7.61
CA GLN B 103 -14.48 26.32 6.41
C GLN B 103 -15.10 24.92 6.41
N THR B 104 -14.93 24.20 7.51
CA THR B 104 -15.40 22.83 7.62
C THR B 104 -16.93 22.72 7.51
N ASP B 105 -17.63 23.62 8.19
CA ASP B 105 -19.08 23.65 8.10
C ASP B 105 -19.53 23.85 6.65
N ARG B 106 -18.87 24.77 5.97
CA ARG B 106 -19.24 25.07 4.60
C ARG B 106 -18.95 23.87 3.71
N LEU B 107 -17.85 23.16 3.98
CA LEU B 107 -17.53 21.96 3.22
C LEU B 107 -18.61 20.88 3.42
N ARG B 108 -19.04 20.72 4.67
CA ARG B 108 -20.07 19.73 4.98
C ARG B 108 -21.35 20.09 4.25
N GLU B 109 -21.72 21.36 4.28
CA GLU B 109 -22.90 21.82 3.58
C GLU B 109 -22.82 21.59 2.06
N MET B 110 -21.60 21.52 1.54
CA MET B 110 -21.39 21.21 0.12
C MET B 110 -21.47 19.71 -0.15
N GLY B 111 -21.58 18.91 0.90
CA GLY B 111 -21.73 17.47 0.73
C GLY B 111 -20.51 16.65 1.09
N TYR B 112 -19.45 17.31 1.54
CA TYR B 112 -18.24 16.61 1.98
C TYR B 112 -18.48 15.91 3.32
N SER B 113 -18.11 14.63 3.37
CA SER B 113 -18.23 13.84 4.57
C SER B 113 -17.04 14.06 5.48
N VAL B 114 -17.16 13.59 6.71
CA VAL B 114 -16.09 13.64 7.69
C VAL B 114 -14.82 12.94 7.19
N ARG B 115 -14.98 11.80 6.54
CA ARG B 115 -13.81 11.09 6.01
C ARG B 115 -13.13 11.86 4.86
N GLU B 116 -13.91 12.47 3.98
CA GLU B 116 -13.33 13.23 2.86
C GLU B 116 -12.55 14.45 3.36
N ILE B 117 -13.10 15.12 4.36
CA ILE B 117 -12.42 16.26 4.94
C ILE B 117 -11.12 15.83 5.65
N GLY B 118 -11.15 14.66 6.28
CA GLY B 118 -9.94 14.07 6.84
C GLY B 118 -8.91 13.81 5.75
N GLN B 119 -9.37 13.33 4.60
CA GLN B 119 -8.48 13.09 3.47
C GLN B 119 -7.86 14.40 2.99
N ILE B 120 -8.69 15.44 2.93
CA ILE B 120 -8.21 16.74 2.50
C ILE B 120 -7.16 17.27 3.48
N ARG B 121 -7.41 17.16 4.78
CA ARG B 121 -6.44 17.58 5.79
C ARG B 121 -5.10 16.86 5.65
N ALA B 122 -5.14 15.57 5.34
CA ALA B 122 -3.92 14.78 5.24
C ALA B 122 -3.08 15.20 4.02
N VAL B 123 -3.73 15.56 2.92
CA VAL B 123 -3.01 16.13 1.77
C VAL B 123 -2.33 17.45 2.17
N LEU B 124 -3.04 18.32 2.87
CA LEU B 124 -2.46 19.58 3.33
C LEU B 124 -1.25 19.38 4.25
N ASP B 125 -1.32 18.37 5.13
CA ASP B 125 -0.23 18.07 6.07
C ASP B 125 1.09 17.69 5.38
N ILE B 126 0.98 17.01 4.24
CA ILE B 126 2.13 16.61 3.44
C ILE B 126 2.99 17.83 3.05
N PHE B 127 2.32 18.85 2.52
CA PHE B 127 3.01 20.05 2.08
C PHE B 127 3.39 20.95 3.24
N ASP B 128 2.54 20.99 4.26
CA ASP B 128 2.83 21.72 5.49
C ASP B 128 4.17 21.23 6.05
N TYR B 129 4.36 19.92 6.01
CA TYR B 129 5.61 19.32 6.46
C TYR B 129 6.76 19.57 5.49
N GLY B 130 6.51 19.32 4.21
CA GLY B 130 7.57 19.25 3.22
C GLY B 130 8.14 20.53 2.64
N ASN B 131 7.29 21.54 2.49
CA ASN B 131 7.71 22.75 1.79
C ASN B 131 8.89 23.51 2.43
N PRO B 132 8.98 23.57 3.78
CA PRO B 132 10.16 24.20 4.34
C PRO B 132 11.47 23.53 3.92
N LYS B 133 11.47 22.21 3.78
CA LYS B 133 12.67 21.50 3.36
C LYS B 133 13.07 21.95 1.94
N TYR B 134 12.10 22.01 1.04
CA TYR B 134 12.34 22.51 -0.31
C TYR B 134 12.77 23.98 -0.31
N LEU B 135 12.16 24.79 0.55
CA LEU B 135 12.54 26.19 0.64
C LEU B 135 14.03 26.36 1.02
N ILE B 136 14.49 25.60 2.01
CA ILE B 136 15.88 25.71 2.43
C ILE B 136 16.84 25.24 1.33
N PHE B 137 16.50 24.13 0.69
CA PHE B 137 17.30 23.58 -0.41
C PHE B 137 17.35 24.61 -1.55
N ALA B 138 16.21 25.21 -1.87
CA ALA B 138 16.16 26.22 -2.92
C ALA B 138 17.05 27.41 -2.56
N THR B 139 17.06 27.75 -1.28
CA THR B 139 17.85 28.86 -0.80
C THR B 139 19.34 28.54 -0.94
N ALA B 140 19.71 27.31 -0.56
CA ALA B 140 21.08 26.83 -0.72
C ALA B 140 21.55 26.94 -2.17
N ILE B 141 20.73 26.47 -3.10
CA ILE B 141 21.12 26.45 -4.50
C ILE B 141 21.34 27.87 -5.04
N LYS B 142 20.35 28.73 -4.81
CA LYS B 142 20.39 30.12 -5.24
C LYS B 142 21.59 30.87 -4.66
N GLU B 143 21.74 30.87 -3.34
CA GLU B 143 22.82 31.64 -2.71
C GLU B 143 24.21 31.08 -3.02
N GLY B 144 24.31 29.76 -3.12
CA GLY B 144 25.53 29.12 -3.56
C GLY B 144 25.98 29.69 -4.88
N LEU B 145 25.08 29.68 -5.86
CA LEU B 145 25.36 30.17 -7.20
C LEU B 145 25.65 31.66 -7.24
N LEU B 146 24.81 32.46 -6.60
CA LEU B 146 24.99 33.91 -6.57
C LEU B 146 26.26 34.37 -5.85
N SER B 147 26.58 33.75 -4.72
CA SER B 147 27.63 34.27 -3.85
C SER B 147 28.95 33.52 -3.94
N GLY B 148 28.90 32.28 -4.40
CA GLY B 148 30.08 31.44 -4.47
C GLY B 148 30.63 31.08 -3.10
N ARG B 149 29.89 31.40 -2.04
CA ARG B 149 30.33 31.17 -0.67
C ARG B 149 30.15 29.72 -0.21
N THR B 150 30.84 29.38 0.88
CA THR B 150 30.72 28.07 1.51
C THR B 150 29.87 28.23 2.75
N PHE B 151 28.70 27.58 2.76
CA PHE B 151 27.76 27.73 3.86
C PHE B 151 27.83 26.59 4.85
N GLY B 152 27.98 26.95 6.12
CA GLY B 152 27.94 25.98 7.20
C GLY B 152 29.16 25.09 7.29
N GLY B 153 28.99 23.94 7.92
CA GLY B 153 30.08 23.01 8.16
C GLY B 153 30.75 23.13 9.53
N ALA B 154 30.16 23.89 10.45
CA ALA B 154 30.72 24.05 11.80
C ALA B 154 30.41 22.86 12.68
N ALA B 155 31.37 22.41 13.48
CA ALA B 155 31.10 21.33 14.44
C ALA B 155 30.00 21.72 15.43
N GLY B 156 30.20 22.80 16.17
CA GLY B 156 29.21 23.30 17.11
C GLY B 156 28.67 22.28 18.10
N ASP B 157 27.35 22.17 18.17
CA ASP B 157 26.65 21.15 18.95
C ASP B 157 26.66 19.81 18.20
N ALA B 158 27.24 18.79 18.83
CA ALA B 158 27.34 17.48 18.21
C ALA B 158 25.98 16.86 17.83
N ARG B 159 24.95 17.20 18.59
CA ARG B 159 23.62 16.65 18.36
C ARG B 159 23.02 17.14 17.05
N CYS B 160 23.43 18.33 16.61
CA CYS B 160 23.01 18.86 15.32
C CYS B 160 23.32 17.94 14.16
N HIS B 161 24.39 17.15 14.28
CA HIS B 161 24.80 16.23 13.22
C HIS B 161 24.20 14.84 13.32
N PHE B 162 23.45 14.59 14.39
CA PHE B 162 22.77 13.31 14.56
C PHE B 162 21.76 13.11 13.42
N PRO B 163 21.41 11.84 13.12
CA PRO B 163 20.38 11.62 12.11
C PRO B 163 19.04 12.22 12.54
N ARG B 164 18.27 12.71 11.58
CA ARG B 164 16.98 13.32 11.86
C ARG B 164 15.97 12.30 12.39
N SER B 165 14.89 12.81 12.97
CA SER B 165 13.75 11.99 13.34
C SER B 165 13.37 11.08 12.15
N PRO B 166 13.44 9.76 12.36
CA PRO B 166 13.39 8.69 11.36
C PRO B 166 12.14 8.64 10.48
N ILE B 167 10.97 8.50 11.08
CA ILE B 167 9.77 8.10 10.35
C ILE B 167 9.43 9.04 9.19
N CYS B 168 8.85 8.46 8.13
CA CYS B 168 8.45 9.24 6.98
C CYS B 168 7.40 8.55 6.11
N GLN B 169 6.71 9.36 5.32
CA GLN B 169 5.77 8.86 4.33
C GLN B 169 6.29 9.15 2.93
N ILE B 170 6.77 8.16 2.22
CA ILE B 170 7.33 8.46 0.91
C ILE B 170 6.50 7.93 -0.26
N ASP B 171 5.47 7.15 0.06
CA ASP B 171 4.51 6.64 -0.92
C ASP B 171 3.07 6.82 -0.44
N PRO B 172 2.12 6.95 -1.36
CA PRO B 172 2.30 7.10 -2.81
C PRO B 172 2.50 8.56 -3.19
N ILE B 173 2.86 8.83 -4.44
CA ILE B 173 2.84 10.19 -4.95
C ILE B 173 1.41 10.71 -4.81
N PRO B 174 1.25 11.93 -4.27
CA PRO B 174 -0.12 12.44 -4.10
C PRO B 174 -0.82 12.60 -5.45
N VAL B 175 -2.13 12.36 -5.47
CA VAL B 175 -2.91 12.49 -6.69
C VAL B 175 -2.92 13.95 -7.12
N MET B 176 -2.33 14.21 -8.28
CA MET B 176 -2.23 15.58 -8.76
C MET B 176 -2.89 15.77 -10.12
N VAL B 177 -3.78 16.74 -10.20
CA VAL B 177 -4.43 17.09 -11.45
C VAL B 177 -3.54 18.03 -12.28
N GLU B 178 -2.75 17.42 -13.15
CA GLU B 178 -1.79 18.13 -13.98
C GLU B 178 -2.52 19.04 -14.95
N GLU B 179 -1.82 20.03 -15.48
CA GLU B 179 -2.44 21.01 -16.36
C GLU B 179 -3.07 20.39 -17.62
N HIS B 180 -2.44 19.36 -18.17
CA HIS B 180 -3.00 18.69 -19.33
C HIS B 180 -4.13 17.72 -18.96
N HIS B 181 -4.26 17.40 -17.67
CA HIS B 181 -5.43 16.68 -17.17
C HIS B 181 -6.66 17.60 -17.10
N ALA B 182 -6.39 18.87 -16.86
CA ALA B 182 -7.43 19.83 -16.45
C ALA B 182 -8.44 20.15 -17.53
N GLY B 183 -9.70 20.29 -17.13
CA GLY B 183 -10.75 20.71 -18.04
C GLY B 183 -10.80 22.22 -18.16
N GLY B 184 -11.95 22.72 -18.59
CA GLY B 184 -12.12 24.15 -18.81
C GLY B 184 -12.09 25.04 -17.58
N THR B 185 -13.01 24.82 -16.63
CA THR B 185 -13.06 25.70 -15.47
C THR B 185 -11.89 25.48 -14.51
N LEU B 186 -11.31 24.29 -14.49
CA LEU B 186 -10.16 24.05 -13.65
C LEU B 186 -8.95 24.82 -14.18
N SER B 187 -8.82 24.87 -15.50
CA SER B 187 -7.77 25.65 -16.13
C SER B 187 -7.89 27.11 -15.76
N GLN B 188 -9.11 27.52 -15.44
CA GLN B 188 -9.36 28.91 -15.15
C GLN B 188 -8.97 29.24 -13.73
N VAL B 189 -9.19 28.31 -12.79
CA VAL B 189 -8.64 28.46 -11.44
C VAL B 189 -7.11 28.49 -11.44
N TYR B 190 -6.50 27.62 -12.24
CA TYR B 190 -5.03 27.59 -12.37
C TYR B 190 -4.46 28.89 -12.95
N ALA B 191 -5.13 29.42 -13.97
CA ALA B 191 -4.75 30.71 -14.55
C ALA B 191 -4.83 31.83 -13.53
N ASP B 192 -5.88 31.82 -12.72
CA ASP B 192 -6.08 32.81 -11.66
C ASP B 192 -4.98 32.72 -10.62
N ILE B 193 -4.68 31.49 -10.20
CA ILE B 193 -3.59 31.25 -9.26
C ILE B 193 -2.26 31.75 -9.82
N LYS B 194 -1.99 31.42 -11.08
CA LYS B 194 -0.71 31.80 -11.69
C LYS B 194 -0.58 33.31 -11.74
N GLN B 195 -1.65 33.97 -12.17
CA GLN B 195 -1.69 35.42 -12.26
C GLN B 195 -1.49 36.08 -10.91
N THR B 196 -2.28 35.65 -9.93
CA THR B 196 -2.22 36.23 -8.59
C THR B 196 -0.88 35.99 -7.90
N LEU B 197 -0.30 34.81 -8.07
CA LEU B 197 0.94 34.51 -7.37
C LEU B 197 2.17 34.92 -8.20
N GLN B 198 1.94 35.31 -9.45
CA GLN B 198 2.99 35.74 -10.37
C GLN B 198 3.93 34.58 -10.71
N LEU B 199 3.34 33.45 -11.11
CA LEU B 199 4.11 32.25 -11.42
C LEU B 199 3.72 31.66 -12.78
N PRO B 200 4.71 31.17 -13.53
CA PRO B 200 4.40 30.53 -14.81
C PRO B 200 4.04 29.05 -14.68
N PHE B 201 3.91 28.55 -13.46
CA PHE B 201 3.61 27.13 -13.25
C PHE B 201 2.59 26.96 -12.12
N ILE B 202 1.98 25.79 -12.03
CA ILE B 202 1.10 25.47 -10.93
C ILE B 202 1.79 24.54 -9.94
N ASN B 203 1.81 24.93 -8.67
CA ASN B 203 2.47 24.12 -7.64
C ASN B 203 1.81 22.77 -7.40
N SER B 204 2.60 21.77 -7.03
CA SER B 204 2.09 20.46 -6.61
C SER B 204 0.93 20.56 -5.61
N ASP B 205 1.03 21.51 -4.69
CA ASP B 205 0.08 21.73 -3.62
C ASP B 205 -1.34 21.97 -4.17
N TYR B 206 -1.46 22.89 -5.13
CA TYR B 206 -2.76 23.25 -5.67
C TYR B 206 -3.29 22.13 -6.57
N LYS B 207 -2.38 21.46 -7.26
CA LYS B 207 -2.74 20.35 -8.13
C LYS B 207 -3.34 19.20 -7.35
N ALA B 208 -2.78 18.93 -6.17
CA ALA B 208 -3.30 17.90 -5.27
C ALA B 208 -4.64 18.30 -4.67
N MET B 209 -4.76 19.55 -4.25
CA MET B 209 -6.04 20.07 -3.81
C MET B 209 -7.11 19.97 -4.88
N ALA B 210 -6.68 20.05 -6.13
CA ALA B 210 -7.58 20.05 -7.26
C ALA B 210 -8.22 18.69 -7.53
N ARG B 211 -7.78 17.64 -6.85
CA ARG B 211 -8.48 16.35 -6.89
C ARG B 211 -9.92 16.56 -6.40
N TRP B 212 -10.12 17.55 -5.54
CA TRP B 212 -11.44 18.01 -5.15
C TRP B 212 -11.67 19.43 -5.63
N PRO B 213 -12.04 19.61 -6.91
CA PRO B 213 -12.14 20.93 -7.53
C PRO B 213 -12.96 21.94 -6.76
N SER B 214 -14.14 21.57 -6.25
CA SER B 214 -14.96 22.52 -5.48
C SER B 214 -14.29 22.89 -4.16
N TYR B 215 -13.47 21.99 -3.64
CA TYR B 215 -12.71 22.33 -2.45
C TYR B 215 -11.60 23.33 -2.77
N LEU B 216 -10.88 23.11 -3.85
CA LEU B 216 -9.81 24.03 -4.23
C LEU B 216 -10.36 25.45 -4.43
N GLU B 217 -11.44 25.56 -5.19
CA GLU B 217 -12.07 26.86 -5.43
C GLU B 217 -12.40 27.58 -4.13
N GLN B 218 -13.00 26.85 -3.21
CA GLN B 218 -13.29 27.34 -1.88
C GLN B 218 -12.04 27.82 -1.15
N ALA B 219 -11.03 26.97 -1.02
CA ALA B 219 -9.84 27.30 -0.24
C ALA B 219 -9.04 28.45 -0.87
N TRP B 220 -8.83 28.39 -2.18
CA TRP B 220 -8.14 29.46 -2.89
C TRP B 220 -8.92 30.76 -2.76
N GLY B 221 -10.25 30.64 -2.81
CA GLY B 221 -11.14 31.78 -2.67
C GLY B 221 -10.86 32.53 -1.39
N ALA B 222 -10.77 31.80 -0.28
CA ALA B 222 -10.57 32.41 1.03
C ALA B 222 -9.14 32.97 1.20
N LEU B 223 -8.15 32.34 0.57
CA LEU B 223 -6.77 32.79 0.69
C LEU B 223 -6.48 34.04 -0.15
N LYS B 224 -6.99 34.05 -1.38
CA LYS B 224 -6.59 35.02 -2.40
C LYS B 224 -6.53 36.50 -1.97
N PRO B 225 -7.53 37.00 -1.20
CA PRO B 225 -7.44 38.42 -0.83
C PRO B 225 -6.34 38.71 0.19
N CYS B 226 -5.70 37.68 0.74
CA CYS B 226 -4.65 37.91 1.74
C CYS B 226 -3.33 38.15 1.03
N ILE B 227 -3.23 37.66 -0.20
CA ILE B 227 -1.96 37.69 -0.94
C ILE B 227 -1.49 39.13 -1.13
N ASP B 228 -0.25 39.38 -0.73
CA ASP B 228 0.38 40.67 -0.97
C ASP B 228 -0.28 41.83 -0.22
N THR B 229 -1.05 41.50 0.80
CA THR B 229 -1.38 42.49 1.81
C THR B 229 -0.09 42.80 2.56
N PRO B 230 -0.03 43.94 3.25
CA PRO B 230 1.17 44.29 4.02
C PRO B 230 1.62 43.17 4.96
N ALA B 231 0.68 42.55 5.67
CA ALA B 231 1.02 41.55 6.68
C ALA B 231 1.57 40.27 6.04
N TYR B 232 1.00 39.89 4.91
CA TYR B 232 1.48 38.74 4.13
C TYR B 232 2.93 38.94 3.69
N GLN B 233 3.23 40.13 3.17
CA GLN B 233 4.56 40.43 2.68
C GLN B 233 5.60 40.45 3.79
N ALA B 234 5.27 41.07 4.91
CA ALA B 234 6.14 41.05 6.08
C ALA B 234 6.38 39.62 6.53
N GLY B 235 5.31 38.85 6.58
CA GLY B 235 5.39 37.46 6.99
C GLY B 235 6.31 36.71 6.06
N ARG B 236 6.13 36.93 4.76
CA ARG B 236 6.92 36.28 3.73
C ARG B 236 8.40 36.66 3.86
N PHE B 237 8.67 37.93 4.12
CA PHE B 237 10.04 38.39 4.41
C PHE B 237 10.66 37.64 5.59
N ASP B 238 9.87 37.46 6.65
CA ASP B 238 10.34 36.74 7.83
C ASP B 238 10.69 35.27 7.50
N ILE B 239 9.83 34.61 6.72
CA ILE B 239 10.04 33.21 6.37
C ILE B 239 11.31 33.07 5.53
N ASN B 240 11.49 33.97 4.58
CA ASN B 240 12.71 34.01 3.78
C ASN B 240 13.96 34.16 4.63
N ALA B 241 13.90 35.04 5.62
CA ALA B 241 15.03 35.27 6.51
C ALA B 241 15.38 33.99 7.29
N ARG B 242 14.36 33.25 7.68
CA ARG B 242 14.58 31.97 8.38
C ARG B 242 15.33 30.98 7.51
N ALA B 243 14.99 30.96 6.22
CA ALA B 243 15.61 30.04 5.29
C ALA B 243 17.09 30.39 5.10
N LEU B 244 17.39 31.68 4.97
CA LEU B 244 18.76 32.17 4.94
C LEU B 244 19.55 31.84 6.22
N ALA B 245 18.92 31.98 7.38
CA ALA B 245 19.59 31.61 8.64
C ALA B 245 19.88 30.10 8.68
N ALA B 246 18.94 29.30 8.18
CA ALA B 246 19.14 27.85 8.14
C ALA B 246 20.34 27.48 7.28
N LEU B 247 20.41 28.09 6.10
CA LEU B 247 21.53 27.88 5.21
C LEU B 247 22.90 28.22 5.87
N ASP B 248 22.99 29.33 6.60
CA ASP B 248 24.21 29.69 7.29
C ASP B 248 24.63 28.68 8.38
N ALA B 249 23.67 27.93 8.89
CA ALA B 249 23.94 26.97 9.96
C ALA B 249 23.92 25.49 9.51
N LEU B 250 23.99 25.23 8.20
CA LEU B 250 24.03 23.83 7.73
C LEU B 250 25.18 23.08 8.40
N PRO B 251 24.88 21.88 8.92
CA PRO B 251 25.84 21.11 9.74
C PRO B 251 27.01 20.60 8.89
N THR B 252 26.74 20.32 7.62
CA THR B 252 27.78 19.94 6.66
C THR B 252 27.89 21.05 5.64
N ALA B 253 29.13 21.44 5.34
CA ALA B 253 29.39 22.55 4.45
C ALA B 253 28.75 22.35 3.06
N TYR B 254 28.13 23.40 2.56
CA TYR B 254 27.61 23.42 1.21
C TYR B 254 28.29 24.53 0.41
N ARG B 255 29.04 24.15 -0.62
CA ARG B 255 29.48 25.12 -1.61
C ARG B 255 29.10 24.60 -2.99
N MET B 256 28.53 25.47 -3.82
CA MET B 256 28.19 25.09 -5.18
C MET B 256 28.06 26.36 -6.01
N SER B 257 29.20 26.84 -6.48
CA SER B 257 29.31 28.13 -7.15
C SER B 257 29.07 28.03 -8.64
N ARG B 258 29.12 29.17 -9.34
CA ARG B 258 29.18 29.16 -10.78
C ARG B 258 30.30 28.27 -11.31
N ASP B 259 31.46 28.34 -10.65
CA ASP B 259 32.59 27.55 -11.11
C ASP B 259 32.32 26.08 -10.87
N ASP B 260 31.65 25.75 -9.77
CA ASP B 260 31.31 24.36 -9.52
C ASP B 260 30.30 23.87 -10.56
N ALA B 261 29.38 24.74 -10.96
CA ALA B 261 28.40 24.40 -11.98
C ALA B 261 29.11 24.01 -13.29
N LEU B 262 30.18 24.75 -13.63
CA LEU B 262 30.96 24.44 -14.82
C LEU B 262 31.63 23.08 -14.72
N GLN B 263 32.24 22.82 -13.56
CA GLN B 263 32.95 21.58 -13.30
C GLN B 263 32.01 20.38 -13.28
N ALA B 264 30.74 20.62 -12.98
CA ALA B 264 29.75 19.53 -12.95
C ALA B 264 29.26 19.20 -14.34
N GLY B 265 29.47 20.11 -15.29
CA GLY B 265 29.11 19.80 -16.66
C GLY B 265 28.25 20.81 -17.38
N LEU B 266 27.85 21.87 -16.69
CA LEU B 266 27.07 22.93 -17.30
C LEU B 266 27.96 23.93 -18.03
N SER B 267 27.40 24.57 -19.04
CA SER B 267 28.05 25.70 -19.69
C SER B 267 27.75 26.98 -18.93
N GLU B 268 28.42 28.06 -19.28
CA GLU B 268 28.21 29.30 -18.57
C GLU B 268 26.80 29.85 -18.80
N ALA B 269 26.31 29.74 -20.03
CA ALA B 269 24.99 30.22 -20.39
C ALA B 269 23.89 29.43 -19.67
N GLN B 270 24.07 28.11 -19.57
CA GLN B 270 23.12 27.27 -18.87
C GLN B 270 23.06 27.61 -17.38
N THR B 271 24.22 27.89 -16.79
CA THR B 271 24.31 28.32 -15.40
C THR B 271 23.54 29.64 -15.16
N ASP B 272 23.68 30.59 -16.08
CA ASP B 272 23.00 31.88 -15.98
C ASP B 272 21.49 31.71 -16.03
N GLU B 273 21.03 30.79 -16.89
CA GLU B 273 19.62 30.48 -16.96
C GLU B 273 19.13 29.84 -15.66
N LEU B 274 19.89 28.85 -15.18
CA LEU B 274 19.58 28.17 -13.93
C LEU B 274 19.42 29.15 -12.78
N ILE B 275 20.27 30.17 -12.74
CA ILE B 275 20.22 31.18 -11.70
C ILE B 275 18.89 31.90 -11.72
N GLN B 276 18.40 32.24 -12.90
CA GLN B 276 17.09 32.85 -13.00
C GLN B 276 15.97 31.90 -12.52
N VAL B 277 16.06 30.65 -12.94
CA VAL B 277 15.06 29.66 -12.60
C VAL B 277 15.01 29.45 -11.09
N ILE B 278 16.16 29.27 -10.44
CA ILE B 278 16.17 28.98 -9.02
C ILE B 278 15.74 30.20 -8.21
N SER B 279 16.06 31.39 -8.70
CA SER B 279 15.66 32.60 -8.01
C SER B 279 14.16 32.75 -7.96
N LEU B 280 13.47 32.40 -9.05
CA LEU B 280 12.02 32.45 -9.07
C LEU B 280 11.41 31.45 -8.08
N PHE B 281 11.92 30.23 -8.09
CA PHE B 281 11.39 29.18 -7.23
C PHE B 281 11.65 29.46 -5.76
N GLN B 282 12.85 29.95 -5.46
CA GLN B 282 13.22 30.29 -4.09
C GLN B 282 12.30 31.38 -3.51
N TRP B 283 12.00 32.39 -4.33
CA TRP B 283 11.09 33.46 -3.96
C TRP B 283 9.67 32.92 -3.74
N MET B 284 9.25 32.06 -4.67
CA MET B 284 7.93 31.45 -4.64
C MET B 284 7.67 30.69 -3.33
N LEU B 285 8.69 30.00 -2.84
CA LEU B 285 8.51 29.05 -1.75
C LEU B 285 8.17 29.69 -0.40
N SER B 286 8.65 30.90 -0.14
CA SER B 286 8.28 31.58 1.11
C SER B 286 6.79 31.82 1.12
N GLY B 287 6.23 32.12 -0.05
CA GLY B 287 4.81 32.39 -0.15
C GLY B 287 3.97 31.13 -0.09
N LEU B 288 4.50 30.06 -0.66
CA LEU B 288 3.78 28.78 -0.66
C LEU B 288 3.59 28.30 0.78
N VAL B 289 4.62 28.47 1.60
CA VAL B 289 4.56 28.11 3.00
C VAL B 289 3.40 28.83 3.68
N LEU B 290 3.28 30.16 3.50
CA LEU B 290 2.18 30.93 4.05
C LEU B 290 0.82 30.44 3.55
N ASN B 291 0.75 30.19 2.25
CA ASN B 291 -0.46 29.74 1.60
C ASN B 291 -0.99 28.40 2.12
N VAL B 292 -0.09 27.44 2.31
CA VAL B 292 -0.51 26.13 2.80
C VAL B 292 -0.93 26.23 4.26
N THR B 293 -0.21 27.05 5.02
CA THR B 293 -0.57 27.33 6.41
C THR B 293 -1.99 27.90 6.51
N HIS B 294 -2.30 28.84 5.62
CA HIS B 294 -3.64 29.38 5.50
C HIS B 294 -4.68 28.29 5.19
N PHE B 295 -4.40 27.44 4.20
CA PHE B 295 -5.32 26.35 3.86
C PHE B 295 -5.56 25.47 5.08
N LYS B 296 -4.47 25.13 5.76
CA LYS B 296 -4.53 24.22 6.90
C LYS B 296 -5.34 24.81 8.06
N GLN B 297 -5.16 26.09 8.34
CA GLN B 297 -5.91 26.73 9.41
C GLN B 297 -7.40 26.87 9.04
N GLN B 298 -7.70 27.16 7.78
CA GLN B 298 -9.08 27.08 7.28
C GLN B 298 -9.74 25.75 7.63
N ALA B 299 -9.00 24.66 7.42
CA ALA B 299 -9.55 23.31 7.47
C ALA B 299 -9.56 22.71 8.87
N LEU B 300 -9.17 23.50 9.85
CA LEU B 300 -9.11 23.05 11.25
C LEU B 300 -10.41 22.45 11.74
N LEU C 10 -33.71 -6.24 -32.01
CA LEU C 10 -33.76 -6.53 -30.58
C LEU C 10 -33.50 -5.26 -29.77
N GLN C 11 -34.33 -5.02 -28.76
CA GLN C 11 -34.21 -3.81 -27.98
C GLN C 11 -34.57 -4.00 -26.50
N LEU C 12 -33.99 -3.14 -25.67
CA LEU C 12 -34.10 -3.25 -24.23
C LEU C 12 -34.63 -1.94 -23.66
N PRO C 13 -35.94 -1.89 -23.36
CA PRO C 13 -36.61 -0.69 -22.89
C PRO C 13 -36.20 -0.27 -21.48
N ARG C 14 -35.97 1.02 -21.28
CA ARG C 14 -35.71 1.54 -19.95
C ARG C 14 -36.99 1.45 -19.14
N PRO C 15 -36.89 0.87 -17.93
CA PRO C 15 -38.02 0.73 -17.01
C PRO C 15 -38.49 2.08 -16.46
N VAL C 16 -39.68 2.14 -15.89
CA VAL C 16 -40.12 3.36 -15.21
C VAL C 16 -39.47 3.37 -13.84
N CYS C 17 -39.08 4.55 -13.37
CA CYS C 17 -38.49 4.69 -12.05
C CYS C 17 -38.85 6.03 -11.43
N GLU C 18 -39.90 6.02 -10.62
CA GLU C 18 -40.34 7.20 -9.89
C GLU C 18 -39.48 7.39 -8.65
N ALA C 19 -38.92 6.29 -8.18
CA ALA C 19 -38.24 6.25 -6.89
C ALA C 19 -37.02 7.15 -6.84
N ILE C 20 -36.80 7.73 -5.67
CA ILE C 20 -35.57 8.41 -5.39
C ILE C 20 -34.49 7.37 -5.12
N ILE C 21 -33.33 7.53 -5.73
CA ILE C 21 -32.22 6.64 -5.51
C ILE C 21 -31.30 7.23 -4.44
N ARG C 22 -31.01 6.46 -3.41
CA ARG C 22 -30.28 6.98 -2.26
C ARG C 22 -29.02 6.17 -1.94
N PRO C 23 -27.98 6.29 -2.78
CA PRO C 23 -26.76 5.51 -2.56
C PRO C 23 -26.09 5.84 -1.23
N VAL C 24 -25.60 4.84 -0.51
CA VAL C 24 -24.74 5.11 0.62
C VAL C 24 -23.28 4.88 0.19
N PRO C 25 -22.55 5.97 -0.08
CA PRO C 25 -21.16 5.82 -0.54
C PRO C 25 -20.26 5.26 0.53
N GLU C 26 -19.16 4.63 0.10
CA GLU C 26 -18.21 4.04 1.02
C GLU C 26 -17.64 5.04 2.01
N HIS C 27 -17.47 6.30 1.61
CA HIS C 27 -16.89 7.28 2.53
C HIS C 27 -17.89 7.78 3.58
N ARG C 28 -19.14 7.34 3.49
CA ARG C 28 -20.15 7.69 4.48
C ARG C 28 -20.71 6.50 5.26
N ALA C 29 -20.38 5.28 4.83
CA ALA C 29 -20.98 4.09 5.42
C ALA C 29 -20.52 3.86 6.85
N ASP C 30 -21.47 3.54 7.73
CA ASP C 30 -21.13 3.28 9.13
C ASP C 30 -20.41 1.95 9.25
N GLN C 31 -20.03 1.58 10.46
CA GLN C 31 -19.22 0.39 10.70
C GLN C 31 -19.91 -0.90 10.24
N GLU C 32 -21.18 -1.07 10.56
CA GLU C 32 -21.92 -2.26 10.19
C GLU C 32 -22.02 -2.43 8.67
N LEU C 33 -22.45 -1.38 7.97
CA LEU C 33 -22.55 -1.43 6.52
C LEU C 33 -21.16 -1.60 5.88
N SER C 34 -20.14 -0.96 6.46
CA SER C 34 -18.79 -1.06 5.92
C SER C 34 -18.27 -2.50 5.93
N GLU C 35 -18.71 -3.29 6.90
CA GLU C 35 -18.28 -4.68 6.97
C GLU C 35 -18.94 -5.51 5.86
N ILE C 36 -20.19 -5.21 5.54
CA ILE C 36 -20.84 -5.87 4.42
C ILE C 36 -20.17 -5.46 3.10
N TYR C 37 -19.88 -4.17 2.96
CA TYR C 37 -19.14 -3.64 1.82
C TYR C 37 -17.80 -4.33 1.65
N ARG C 38 -17.12 -4.57 2.76
CA ARG C 38 -15.80 -5.19 2.69
C ARG C 38 -15.92 -6.64 2.23
N ASP C 39 -16.94 -7.34 2.72
CA ASP C 39 -17.15 -8.72 2.33
C ASP C 39 -17.56 -8.82 0.86
N LEU C 40 -18.36 -7.85 0.44
CA LEU C 40 -18.74 -7.74 -0.96
C LEU C 40 -17.52 -7.60 -1.87
N LYS C 41 -16.62 -6.70 -1.51
CA LYS C 41 -15.44 -6.42 -2.31
C LYS C 41 -14.49 -7.60 -2.34
N ALA C 42 -14.30 -8.21 -1.18
CA ALA C 42 -13.41 -9.33 -1.04
C ALA C 42 -13.92 -10.56 -1.82
N THR C 43 -15.23 -10.74 -1.84
CA THR C 43 -15.85 -11.87 -2.55
C THR C 43 -15.84 -11.67 -4.07
N PHE C 44 -16.24 -10.48 -4.51
CA PHE C 44 -16.14 -10.13 -5.93
C PHE C 44 -14.69 -9.98 -6.37
N GLY C 45 -13.80 -9.69 -5.41
CA GLY C 45 -12.42 -9.42 -5.75
C GLY C 45 -12.18 -8.06 -6.39
N VAL C 46 -13.02 -7.07 -6.06
CA VAL C 46 -12.96 -5.74 -6.67
C VAL C 46 -12.73 -4.64 -5.63
N PRO C 47 -12.16 -3.49 -6.06
CA PRO C 47 -11.79 -2.47 -5.10
C PRO C 47 -12.84 -1.38 -4.88
N TRP C 48 -14.02 -1.51 -5.49
CA TRP C 48 -15.07 -0.52 -5.24
C TRP C 48 -16.42 -1.19 -4.97
N VAL C 49 -17.27 -0.50 -4.21
CA VAL C 49 -18.65 -0.91 -4.01
C VAL C 49 -19.50 -0.20 -5.06
N GLY C 50 -20.12 -0.99 -5.94
CA GLY C 50 -20.90 -0.43 -7.02
C GLY C 50 -22.02 0.47 -6.51
N VAL C 51 -22.38 1.47 -7.29
CA VAL C 51 -23.51 2.33 -6.95
C VAL C 51 -24.81 1.50 -6.85
N ILE C 52 -24.93 0.47 -7.68
CA ILE C 52 -26.01 -0.50 -7.58
C ILE C 52 -26.15 -0.98 -6.14
N THR C 53 -25.05 -1.43 -5.56
CA THR C 53 -25.08 -1.96 -4.21
C THR C 53 -25.21 -0.84 -3.17
N GLN C 54 -24.64 0.33 -3.42
CA GLN C 54 -24.87 1.48 -2.53
C GLN C 54 -26.36 1.85 -2.43
N ALA C 55 -27.06 1.83 -3.56
CA ALA C 55 -28.49 2.15 -3.58
C ALA C 55 -29.33 1.10 -2.86
N VAL C 56 -29.07 -0.17 -3.15
CA VAL C 56 -29.77 -1.27 -2.47
C VAL C 56 -29.46 -1.25 -0.98
N ALA C 57 -28.25 -0.82 -0.62
CA ALA C 57 -27.85 -0.72 0.78
C ALA C 57 -28.77 0.22 1.58
N TYR C 58 -29.46 1.13 0.91
CA TYR C 58 -30.41 1.99 1.63
C TYR C 58 -31.51 1.15 2.27
N TYR C 59 -31.92 0.10 1.56
CA TYR C 59 -32.84 -0.88 2.09
C TYR C 59 -32.04 -1.94 2.84
N ARG C 60 -31.34 -1.52 3.90
CA ARG C 60 -30.28 -2.34 4.48
C ARG C 60 -30.70 -3.75 4.91
N PRO C 61 -31.83 -3.91 5.62
CA PRO C 61 -32.20 -5.29 5.94
C PRO C 61 -32.36 -6.18 4.71
N PHE C 62 -32.89 -5.64 3.62
CA PHE C 62 -32.97 -6.43 2.41
C PHE C 62 -31.58 -6.71 1.83
N PHE C 63 -30.73 -5.68 1.84
CA PHE C 63 -29.39 -5.80 1.27
C PHE C 63 -28.59 -6.88 1.97
N ALA C 64 -28.62 -6.87 3.30
CA ALA C 64 -27.85 -7.84 4.07
C ALA C 64 -28.29 -9.29 3.77
N GLU C 65 -29.60 -9.52 3.71
CA GLU C 65 -30.11 -10.86 3.46
C GLU C 65 -29.88 -11.31 2.01
N ALA C 66 -30.16 -10.44 1.06
CA ALA C 66 -29.92 -10.73 -0.35
C ALA C 66 -28.45 -11.13 -0.57
N TRP C 67 -27.53 -10.35 -0.02
CA TRP C 67 -26.11 -10.66 -0.14
C TRP C 67 -25.76 -11.98 0.53
N ARG C 68 -26.30 -12.20 1.73
CA ARG C 68 -26.16 -13.46 2.45
C ARG C 68 -26.52 -14.65 1.54
N ARG C 69 -27.63 -14.51 0.83
CA ARG C 69 -28.12 -15.55 -0.06
C ARG C 69 -27.34 -15.67 -1.38
N PHE C 70 -26.82 -14.55 -1.90
CA PHE C 70 -26.15 -14.55 -3.20
C PHE C 70 -24.67 -14.94 -3.10
N ALA C 71 -24.05 -14.55 -1.99
CA ALA C 71 -22.61 -14.74 -1.76
C ALA C 71 -22.09 -16.17 -1.96
N PRO C 72 -22.84 -17.22 -1.56
CA PRO C 72 -22.25 -18.54 -1.82
C PRO C 72 -22.04 -18.80 -3.32
N SER C 73 -22.91 -18.29 -4.16
CA SER C 73 -22.73 -18.44 -5.61
C SER C 73 -21.57 -17.56 -6.09
N ALA C 74 -21.53 -16.32 -5.62
CA ALA C 74 -20.46 -15.37 -5.97
C ALA C 74 -19.06 -15.91 -5.70
N LYS C 75 -18.94 -16.80 -4.73
CA LYS C 75 -17.63 -17.37 -4.38
C LYS C 75 -17.14 -18.46 -5.31
N THR C 76 -17.97 -18.87 -6.27
CA THR C 76 -17.66 -20.06 -7.05
C THR C 76 -16.99 -19.84 -8.41
N HIS C 77 -16.29 -20.89 -8.84
CA HIS C 77 -15.78 -21.06 -10.18
C HIS C 77 -16.82 -20.71 -11.25
N PHE C 78 -18.06 -21.20 -11.09
CA PHE C 78 -19.12 -20.86 -12.04
C PHE C 78 -19.27 -19.35 -12.23
N PHE C 79 -19.31 -18.62 -11.12
CA PHE C 79 -19.63 -17.21 -11.15
C PHE C 79 -18.49 -16.43 -11.78
N GLU C 80 -17.27 -16.84 -11.45
CA GLU C 80 -16.08 -16.24 -12.04
C GLU C 80 -16.11 -16.38 -13.57
N ARG C 81 -16.42 -17.59 -14.03
CA ARG C 81 -16.46 -17.89 -15.46
C ARG C 81 -17.62 -17.19 -16.17
N ALA C 82 -18.80 -17.17 -15.57
CA ALA C 82 -19.96 -16.54 -16.22
C ALA C 82 -19.78 -15.03 -16.31
N SER C 83 -19.24 -14.42 -15.26
CA SER C 83 -18.87 -13.00 -15.29
C SER C 83 -17.83 -12.73 -16.37
N ASP C 84 -16.77 -13.53 -16.38
CA ASP C 84 -15.70 -13.40 -17.38
C ASP C 84 -16.22 -13.57 -18.81
N ASP C 85 -17.15 -14.50 -19.00
CA ASP C 85 -17.74 -14.76 -20.32
C ASP C 85 -18.56 -13.56 -20.78
N ILE C 86 -19.08 -12.78 -19.84
CA ILE C 86 -19.80 -11.58 -20.21
C ILE C 86 -18.81 -10.52 -20.70
N ARG C 87 -17.72 -10.33 -19.97
CA ARG C 87 -16.62 -9.47 -20.44
C ARG C 87 -16.15 -9.85 -21.86
N ILE C 88 -15.95 -11.14 -22.09
CA ILE C 88 -15.52 -11.64 -23.39
C ILE C 88 -16.56 -11.36 -24.47
N ARG C 89 -17.82 -11.60 -24.16
CA ARG C 89 -18.91 -11.36 -25.11
C ARG C 89 -18.97 -9.87 -25.49
N SER C 90 -18.76 -9.00 -24.51
CA SER C 90 -18.79 -7.56 -24.73
C SER C 90 -17.63 -7.13 -25.63
N TRP C 91 -16.45 -7.67 -25.33
CA TRP C 91 -15.26 -7.44 -26.14
C TRP C 91 -15.54 -7.83 -27.60
N GLU C 92 -16.08 -9.02 -27.74
CA GLU C 92 -16.50 -9.58 -29.01
C GLU C 92 -17.47 -8.68 -29.79
N LEU C 93 -18.57 -8.30 -29.15
CA LEU C 93 -19.62 -7.49 -29.77
C LEU C 93 -19.15 -6.12 -30.22
N MET C 94 -18.49 -5.40 -29.33
CA MET C 94 -18.07 -4.05 -29.66
C MET C 94 -17.02 -4.09 -30.76
N GLY C 95 -16.21 -5.14 -30.77
CA GLY C 95 -15.21 -5.30 -31.80
C GLY C 95 -15.82 -5.49 -33.18
N GLN C 96 -16.85 -6.34 -33.26
CA GLN C 96 -17.54 -6.65 -34.50
C GLN C 96 -18.41 -5.51 -35.00
N SER C 97 -19.05 -4.82 -34.06
CA SER C 97 -20.15 -3.91 -34.39
C SER C 97 -19.72 -2.46 -34.57
N PHE C 98 -18.51 -2.13 -34.14
CA PHE C 98 -18.07 -0.75 -34.24
C PHE C 98 -16.63 -0.63 -34.71
N VAL C 99 -16.35 0.45 -35.44
CA VAL C 99 -14.97 0.80 -35.72
C VAL C 99 -14.51 1.69 -34.60
N ILE C 100 -13.66 1.16 -33.73
CA ILE C 100 -13.18 1.93 -32.60
C ILE C 100 -11.75 2.34 -32.86
N GLU C 101 -11.57 3.64 -33.10
CA GLU C 101 -10.25 4.21 -33.37
C GLU C 101 -9.42 4.30 -32.09
N GLY C 102 -8.13 4.00 -32.20
CA GLY C 102 -7.24 4.12 -31.06
C GLY C 102 -7.09 5.59 -30.72
N GLN C 103 -6.89 5.88 -29.44
CA GLN C 103 -6.81 7.26 -28.98
C GLN C 103 -5.52 7.58 -28.24
N THR C 104 -4.65 6.58 -28.12
CA THR C 104 -3.36 6.72 -27.44
C THR C 104 -2.50 7.86 -28.03
N ASP C 105 -2.50 7.97 -29.35
CA ASP C 105 -1.77 9.02 -30.05
C ASP C 105 -2.27 10.38 -29.69
N ARG C 106 -3.59 10.57 -29.69
CA ARG C 106 -4.12 11.88 -29.35
C ARG C 106 -3.87 12.22 -27.88
N LEU C 107 -3.98 11.24 -26.99
CA LEU C 107 -3.68 11.45 -25.58
C LEU C 107 -2.23 11.92 -25.39
N ARG C 108 -1.31 11.28 -26.09
CA ARG C 108 0.10 11.67 -26.05
C ARG C 108 0.23 13.11 -26.51
N GLU C 109 -0.48 13.45 -27.58
CA GLU C 109 -0.41 14.78 -28.16
C GLU C 109 -0.99 15.81 -27.22
N MET C 110 -1.89 15.39 -26.33
CA MET C 110 -2.43 16.30 -25.31
C MET C 110 -1.46 16.42 -24.14
N GLY C 111 -0.40 15.63 -24.14
CA GLY C 111 0.58 15.74 -23.08
C GLY C 111 0.64 14.60 -22.08
N TYR C 112 -0.19 13.57 -22.28
CA TYR C 112 -0.18 12.40 -21.41
C TYR C 112 1.05 11.55 -21.69
N SER C 113 1.72 11.13 -20.62
CA SER C 113 2.89 10.28 -20.73
C SER C 113 2.51 8.80 -20.81
N VAL C 114 3.50 7.97 -21.12
CA VAL C 114 3.32 6.53 -21.19
C VAL C 114 2.81 5.96 -19.86
N ARG C 115 3.37 6.44 -18.75
CA ARG C 115 2.93 6.01 -17.43
C ARG C 115 1.49 6.42 -17.11
N GLU C 116 1.11 7.62 -17.50
CA GLU C 116 -0.25 8.09 -17.22
C GLU C 116 -1.26 7.25 -18.02
N ILE C 117 -0.95 6.97 -19.27
CA ILE C 117 -1.86 6.19 -20.10
C ILE C 117 -1.96 4.76 -19.52
N GLY C 118 -0.84 4.26 -19.01
CA GLY C 118 -0.82 3.04 -18.24
C GLY C 118 -1.77 3.08 -17.04
N GLN C 119 -1.76 4.19 -16.31
CA GLN C 119 -2.61 4.31 -15.13
C GLN C 119 -4.08 4.36 -15.53
N ILE C 120 -4.37 5.06 -16.61
CA ILE C 120 -5.70 5.13 -17.17
C ILE C 120 -6.20 3.74 -17.58
N ARG C 121 -5.34 2.93 -18.20
CA ARG C 121 -5.76 1.60 -18.62
C ARG C 121 -6.07 0.70 -17.43
N ALA C 122 -5.29 0.83 -16.38
CA ALA C 122 -5.47 0.01 -15.19
C ALA C 122 -6.80 0.32 -14.52
N VAL C 123 -7.20 1.59 -14.55
CA VAL C 123 -8.50 1.98 -14.02
C VAL C 123 -9.62 1.33 -14.83
N LEU C 124 -9.54 1.41 -16.15
CA LEU C 124 -10.55 0.79 -17.00
C LEU C 124 -10.65 -0.72 -16.73
N ASP C 125 -9.50 -1.38 -16.56
CA ASP C 125 -9.48 -2.82 -16.31
C ASP C 125 -10.27 -3.22 -15.07
N ILE C 126 -10.26 -2.36 -14.07
CA ILE C 126 -10.94 -2.62 -12.81
C ILE C 126 -12.43 -2.81 -13.10
N PHE C 127 -12.98 -1.94 -13.92
CA PHE C 127 -14.40 -1.98 -14.20
C PHE C 127 -14.74 -3.01 -15.28
N ASP C 128 -13.83 -3.21 -16.23
CA ASP C 128 -13.95 -4.26 -17.22
C ASP C 128 -14.11 -5.60 -16.51
N TYR C 129 -13.36 -5.80 -15.43
CA TYR C 129 -13.45 -7.03 -14.66
C TYR C 129 -14.73 -7.11 -13.81
N GLY C 130 -15.02 -6.05 -13.05
CA GLY C 130 -16.02 -6.15 -12.02
C GLY C 130 -17.47 -5.92 -12.41
N ASN C 131 -17.70 -5.15 -13.46
CA ASN C 131 -19.07 -4.81 -13.81
C ASN C 131 -19.99 -6.00 -14.16
N PRO C 132 -19.46 -7.05 -14.85
CA PRO C 132 -20.34 -8.21 -15.05
C PRO C 132 -20.82 -8.86 -13.75
N LYS C 133 -19.99 -8.86 -12.71
CA LYS C 133 -20.38 -9.43 -11.42
C LYS C 133 -21.57 -8.64 -10.82
N TYR C 134 -21.48 -7.32 -10.85
CA TYR C 134 -22.58 -6.46 -10.41
C TYR C 134 -23.81 -6.66 -11.28
N LEU C 135 -23.62 -6.85 -12.58
CA LEU C 135 -24.75 -7.08 -13.47
C LEU C 135 -25.50 -8.35 -13.11
N ILE C 136 -24.78 -9.44 -12.90
CA ILE C 136 -25.43 -10.69 -12.54
C ILE C 136 -26.16 -10.56 -11.19
N PHE C 137 -25.50 -9.96 -10.20
CA PHE C 137 -26.10 -9.73 -8.88
C PHE C 137 -27.37 -8.87 -9.00
N ALA C 138 -27.29 -7.79 -9.77
CA ALA C 138 -28.45 -6.92 -9.99
C ALA C 138 -29.60 -7.69 -10.63
N THR C 139 -29.27 -8.64 -11.49
CA THR C 139 -30.26 -9.42 -12.22
C THR C 139 -30.95 -10.39 -11.26
N ALA C 140 -30.15 -10.98 -10.38
CA ALA C 140 -30.67 -11.84 -9.30
C ALA C 140 -31.65 -11.11 -8.39
N ILE C 141 -31.25 -9.94 -7.91
CA ILE C 141 -32.09 -9.16 -7.01
C ILE C 141 -33.42 -8.81 -7.67
N LYS C 142 -33.33 -8.23 -8.87
CA LYS C 142 -34.49 -7.83 -9.64
C LYS C 142 -35.43 -9.00 -9.93
N GLU C 143 -34.90 -10.05 -10.53
CA GLU C 143 -35.75 -11.17 -10.97
C GLU C 143 -36.29 -11.96 -9.79
N GLY C 144 -35.49 -12.04 -8.71
CA GLY C 144 -35.94 -12.64 -7.47
C GLY C 144 -37.20 -11.96 -6.96
N LEU C 145 -37.17 -10.63 -6.92
CA LEU C 145 -38.30 -9.84 -6.45
C LEU C 145 -39.49 -9.86 -7.41
N LEU C 146 -39.23 -9.73 -8.71
CA LEU C 146 -40.32 -9.72 -9.68
C LEU C 146 -41.04 -11.06 -9.78
N SER C 147 -40.29 -12.15 -9.71
CA SER C 147 -40.86 -13.45 -10.08
C SER C 147 -41.17 -14.30 -8.86
N GLY C 148 -40.43 -14.08 -7.79
CA GLY C 148 -40.58 -14.90 -6.60
C GLY C 148 -40.01 -16.30 -6.78
N ARG C 149 -39.27 -16.51 -7.87
CA ARG C 149 -38.78 -17.84 -8.19
C ARG C 149 -37.50 -18.18 -7.44
N THR C 150 -37.18 -19.47 -7.41
CA THR C 150 -35.92 -19.94 -6.91
C THR C 150 -35.01 -20.23 -8.09
N PHE C 151 -33.88 -19.55 -8.14
CA PHE C 151 -32.95 -19.66 -9.23
C PHE C 151 -31.74 -20.52 -8.86
N GLY C 152 -31.42 -21.49 -9.71
CA GLY C 152 -30.24 -22.31 -9.54
C GLY C 152 -30.29 -23.30 -8.39
N GLY C 153 -29.12 -23.78 -8.00
CA GLY C 153 -29.00 -24.75 -6.93
C GLY C 153 -28.81 -26.19 -7.38
N ALA C 154 -28.62 -26.41 -8.68
CA ALA C 154 -28.41 -27.76 -9.20
C ALA C 154 -26.99 -28.24 -8.92
N ALA C 155 -26.83 -29.54 -8.66
CA ALA C 155 -25.50 -30.10 -8.49
C ALA C 155 -24.70 -30.03 -9.80
N GLY C 156 -25.18 -30.71 -10.83
CA GLY C 156 -24.53 -30.72 -12.13
C GLY C 156 -23.06 -31.07 -12.06
N ASP C 157 -22.24 -30.27 -12.73
CA ASP C 157 -20.78 -30.42 -12.73
C ASP C 157 -20.21 -29.91 -11.41
N ALA C 158 -19.54 -30.79 -10.67
CA ALA C 158 -19.09 -30.45 -9.33
C ALA C 158 -18.05 -29.34 -9.32
N ARG C 159 -17.29 -29.24 -10.41
CA ARG C 159 -16.28 -28.18 -10.54
C ARG C 159 -16.91 -26.81 -10.52
N CYS C 160 -18.17 -26.70 -10.90
CA CYS C 160 -18.85 -25.41 -10.88
C CYS C 160 -18.93 -24.83 -9.48
N HIS C 161 -18.92 -25.70 -8.47
CA HIS C 161 -19.06 -25.29 -7.08
C HIS C 161 -17.72 -25.03 -6.40
N PHE C 162 -16.62 -25.32 -7.10
CA PHE C 162 -15.27 -25.09 -6.60
C PHE C 162 -15.09 -23.60 -6.35
N PRO C 163 -14.19 -23.23 -5.43
CA PRO C 163 -13.89 -21.81 -5.24
C PRO C 163 -13.33 -21.16 -6.50
N ARG C 164 -13.67 -19.89 -6.70
CA ARG C 164 -13.22 -19.15 -7.87
C ARG C 164 -11.71 -18.94 -7.88
N SER C 165 -11.20 -18.54 -9.04
CA SER C 165 -9.83 -18.08 -9.18
C SER C 165 -9.56 -17.05 -8.07
N PRO C 166 -8.59 -17.35 -7.20
CA PRO C 166 -8.46 -16.68 -5.89
C PRO C 166 -7.94 -15.25 -5.90
N ILE C 167 -6.99 -14.93 -6.76
CA ILE C 167 -6.26 -13.67 -6.59
C ILE C 167 -7.19 -12.49 -6.90
N CYS C 168 -6.99 -11.39 -6.16
CA CYS C 168 -7.84 -10.22 -6.29
C CYS C 168 -7.21 -8.94 -5.79
N GLN C 169 -7.63 -7.84 -6.39
CA GLN C 169 -7.21 -6.49 -6.03
C GLN C 169 -8.35 -5.77 -5.33
N ILE C 170 -8.26 -5.59 -4.03
CA ILE C 170 -9.40 -5.01 -3.31
C ILE C 170 -9.02 -3.74 -2.56
N ASP C 171 -7.72 -3.46 -2.52
CA ASP C 171 -7.15 -2.67 -1.43
C ASP C 171 -7.39 -1.17 -1.51
N PRO C 172 -7.07 -0.51 -2.65
CA PRO C 172 -7.40 0.92 -2.64
C PRO C 172 -8.67 1.25 -3.43
N ILE C 173 -9.60 1.96 -2.80
CA ILE C 173 -10.77 2.46 -3.51
C ILE C 173 -10.29 3.39 -4.62
N PRO C 174 -10.82 3.21 -5.84
CA PRO C 174 -10.40 4.08 -6.95
C PRO C 174 -10.68 5.55 -6.66
N VAL C 175 -9.78 6.42 -7.07
CA VAL C 175 -10.03 7.85 -6.95
C VAL C 175 -11.23 8.21 -7.82
N MET C 176 -12.25 8.76 -7.19
CA MET C 176 -13.47 9.12 -7.90
C MET C 176 -13.85 10.56 -7.65
N VAL C 177 -14.02 11.34 -8.71
CA VAL C 177 -14.47 12.72 -8.58
C VAL C 177 -15.99 12.72 -8.44
N GLU C 178 -16.42 12.78 -7.18
CA GLU C 178 -17.82 12.76 -6.84
C GLU C 178 -18.50 14.02 -7.34
N GLU C 179 -19.81 13.97 -7.50
CA GLU C 179 -20.55 15.10 -8.03
C GLU C 179 -20.37 16.35 -7.18
N HIS C 180 -20.25 16.19 -5.87
CA HIS C 180 -20.02 17.37 -5.03
C HIS C 180 -18.54 17.80 -5.02
N HIS C 181 -17.66 16.96 -5.55
CA HIS C 181 -16.27 17.35 -5.76
C HIS C 181 -16.18 18.22 -7.00
N ALA C 182 -17.02 17.91 -7.96
CA ALA C 182 -16.93 18.50 -9.29
C ALA C 182 -17.38 19.95 -9.32
N GLY C 183 -16.68 20.77 -10.10
CA GLY C 183 -17.17 22.11 -10.38
C GLY C 183 -17.34 22.34 -11.88
N GLY C 184 -18.17 23.31 -12.22
CA GLY C 184 -18.21 23.86 -13.57
C GLY C 184 -18.33 22.93 -14.75
N THR C 185 -17.27 22.87 -15.57
CA THR C 185 -17.32 22.13 -16.83
C THR C 185 -17.41 20.63 -16.61
N LEU C 186 -16.91 20.13 -15.47
CA LEU C 186 -17.03 18.71 -15.17
C LEU C 186 -18.50 18.38 -14.89
N SER C 187 -19.20 19.31 -14.24
CA SER C 187 -20.61 19.11 -13.96
C SER C 187 -21.42 19.07 -15.24
N GLN C 188 -20.91 19.73 -16.29
CA GLN C 188 -21.59 19.72 -17.57
C GLN C 188 -21.41 18.38 -18.27
N VAL C 189 -20.20 17.83 -18.21
CA VAL C 189 -19.95 16.51 -18.79
C VAL C 189 -20.78 15.45 -18.06
N TYR C 190 -20.87 15.59 -16.75
CA TYR C 190 -21.71 14.70 -15.96
C TYR C 190 -23.19 14.83 -16.36
N ALA C 191 -23.65 16.05 -16.62
CA ALA C 191 -25.04 16.26 -17.03
C ALA C 191 -25.31 15.63 -18.39
N ASP C 192 -24.34 15.73 -19.28
CA ASP C 192 -24.42 15.14 -20.61
C ASP C 192 -24.50 13.61 -20.52
N ILE C 193 -23.70 13.03 -19.66
CA ILE C 193 -23.72 11.59 -19.42
C ILE C 193 -25.08 11.16 -18.86
N LYS C 194 -25.60 11.92 -17.90
CA LYS C 194 -26.88 11.62 -17.32
C LYS C 194 -27.98 11.63 -18.37
N GLN C 195 -27.99 12.67 -19.19
CA GLN C 195 -29.03 12.82 -20.21
C GLN C 195 -28.93 11.75 -21.27
N THR C 196 -27.73 11.53 -21.79
CA THR C 196 -27.52 10.57 -22.86
C THR C 196 -27.84 9.14 -22.42
N LEU C 197 -27.42 8.79 -21.21
CA LEU C 197 -27.58 7.42 -20.73
C LEU C 197 -28.90 7.22 -19.98
N GLN C 198 -29.65 8.30 -19.80
CA GLN C 198 -30.93 8.32 -19.09
C GLN C 198 -30.82 7.85 -17.66
N LEU C 199 -29.92 8.47 -16.90
CA LEU C 199 -29.70 8.09 -15.50
C LEU C 199 -29.69 9.32 -14.62
N PRO C 200 -30.18 9.18 -13.39
CA PRO C 200 -30.12 10.29 -12.42
C PRO C 200 -28.82 10.34 -11.61
N PHE C 201 -27.88 9.44 -11.89
CA PHE C 201 -26.62 9.38 -11.14
C PHE C 201 -25.44 9.23 -12.09
N ILE C 202 -24.23 9.44 -11.58
CA ILE C 202 -23.01 9.19 -12.34
C ILE C 202 -22.31 7.93 -11.84
N ASN C 203 -22.06 6.99 -12.73
CA ASN C 203 -21.40 5.73 -12.37
C ASN C 203 -19.99 5.91 -11.80
N SER C 204 -19.58 4.98 -10.95
CA SER C 204 -18.22 4.95 -10.42
C SER C 204 -17.19 4.98 -11.54
N ASP C 205 -17.52 4.35 -12.67
CA ASP C 205 -16.57 4.24 -13.76
C ASP C 205 -16.24 5.63 -14.35
N TYR C 206 -17.26 6.45 -14.58
CA TYR C 206 -17.01 7.78 -15.16
C TYR C 206 -16.38 8.72 -14.12
N LYS C 207 -16.73 8.54 -12.85
CA LYS C 207 -16.15 9.35 -11.79
C LYS C 207 -14.65 9.08 -11.64
N ALA C 208 -14.25 7.82 -11.83
CA ALA C 208 -12.84 7.44 -11.81
C ALA C 208 -12.07 7.94 -13.04
N MET C 209 -12.70 7.84 -14.20
CA MET C 209 -12.10 8.46 -15.38
C MET C 209 -11.94 9.98 -15.22
N ALA C 210 -12.81 10.59 -14.42
CA ALA C 210 -12.81 12.03 -14.24
C ALA C 210 -11.62 12.53 -13.43
N ARG C 211 -10.84 11.63 -12.84
CA ARG C 211 -9.61 12.03 -12.19
C ARG C 211 -8.71 12.72 -13.22
N TRP C 212 -8.87 12.33 -14.48
CA TRP C 212 -8.25 13.01 -15.60
C TRP C 212 -9.34 13.60 -16.47
N PRO C 213 -9.82 14.81 -16.13
CA PRO C 213 -10.96 15.43 -16.79
C PRO C 213 -10.84 15.52 -18.32
N SER C 214 -9.65 15.82 -18.85
CA SER C 214 -9.51 15.97 -20.29
C SER C 214 -9.53 14.61 -20.97
N TYR C 215 -9.12 13.57 -20.24
CA TYR C 215 -9.23 12.23 -20.80
C TYR C 215 -10.69 11.79 -20.86
N LEU C 216 -11.47 12.10 -19.83
CA LEU C 216 -12.87 11.67 -19.78
C LEU C 216 -13.67 12.30 -20.92
N GLU C 217 -13.51 13.60 -21.13
CA GLU C 217 -14.19 14.33 -22.20
C GLU C 217 -13.92 13.67 -23.54
N GLN C 218 -12.66 13.36 -23.76
CA GLN C 218 -12.22 12.70 -24.96
C GLN C 218 -12.87 11.33 -25.12
N ALA C 219 -12.78 10.50 -24.09
CA ALA C 219 -13.27 9.13 -24.18
C ALA C 219 -14.79 9.08 -24.29
N TRP C 220 -15.48 9.90 -23.50
CA TRP C 220 -16.94 9.99 -23.57
C TRP C 220 -17.39 10.49 -24.94
N GLY C 221 -16.70 11.50 -25.45
CA GLY C 221 -16.99 12.06 -26.76
C GLY C 221 -16.93 11.04 -27.89
N ALA C 222 -15.98 10.13 -27.82
CA ALA C 222 -15.84 9.08 -28.83
C ALA C 222 -16.93 8.01 -28.69
N LEU C 223 -17.32 7.69 -27.45
CA LEU C 223 -18.35 6.67 -27.22
C LEU C 223 -19.76 7.14 -27.58
N LYS C 224 -20.05 8.39 -27.24
CA LYS C 224 -21.41 8.91 -27.26
C LYS C 224 -22.20 8.62 -28.57
N PRO C 225 -21.59 8.83 -29.75
CA PRO C 225 -22.37 8.55 -30.97
C PRO C 225 -22.78 7.09 -31.15
N CYS C 226 -22.13 6.18 -30.44
CA CYS C 226 -22.49 4.77 -30.52
C CYS C 226 -23.71 4.46 -29.67
N ILE C 227 -24.02 5.30 -28.70
CA ILE C 227 -25.09 4.98 -27.77
C ILE C 227 -26.44 4.89 -28.47
N ASP C 228 -27.09 3.75 -28.29
CA ASP C 228 -28.47 3.56 -28.75
C ASP C 228 -28.57 3.59 -30.26
N THR C 229 -27.48 3.23 -30.94
CA THR C 229 -27.53 2.80 -32.33
C THR C 229 -28.16 1.41 -32.33
N PRO C 230 -28.60 0.92 -33.51
CA PRO C 230 -29.16 -0.43 -33.53
C PRO C 230 -28.19 -1.53 -33.10
N ALA C 231 -26.92 -1.44 -33.46
CA ALA C 231 -25.95 -2.48 -33.09
C ALA C 231 -25.61 -2.44 -31.59
N TYR C 232 -25.67 -1.25 -31.00
CA TYR C 232 -25.50 -1.09 -29.57
C TYR C 232 -26.66 -1.69 -28.78
N GLN C 233 -27.88 -1.39 -29.21
CA GLN C 233 -29.06 -1.89 -28.52
C GLN C 233 -29.12 -3.40 -28.61
N ALA C 234 -28.74 -3.94 -29.77
CA ALA C 234 -28.74 -5.38 -29.98
C ALA C 234 -27.72 -6.07 -29.09
N GLY C 235 -26.54 -5.49 -29.00
CA GLY C 235 -25.49 -6.03 -28.14
C GLY C 235 -25.91 -6.00 -26.68
N ARG C 236 -26.55 -4.90 -26.31
CA ARG C 236 -27.06 -4.71 -24.97
C ARG C 236 -28.07 -5.80 -24.60
N PHE C 237 -28.97 -6.09 -25.54
CA PHE C 237 -29.96 -7.14 -25.35
C PHE C 237 -29.27 -8.47 -25.09
N ASP C 238 -28.25 -8.74 -25.89
CA ASP C 238 -27.44 -9.95 -25.79
C ASP C 238 -26.78 -10.04 -24.40
N ILE C 239 -26.19 -8.95 -23.93
CA ILE C 239 -25.54 -8.90 -22.62
C ILE C 239 -26.56 -9.18 -21.52
N ASN C 240 -27.71 -8.52 -21.61
CA ASN C 240 -28.79 -8.77 -20.66
C ASN C 240 -29.21 -10.24 -20.63
N ALA C 241 -29.29 -10.87 -21.80
CA ALA C 241 -29.73 -12.26 -21.88
C ALA C 241 -28.72 -13.20 -21.23
N ARG C 242 -27.43 -12.91 -21.38
CA ARG C 242 -26.37 -13.66 -20.72
C ARG C 242 -26.50 -13.58 -19.20
N ALA C 243 -26.86 -12.39 -18.71
CA ALA C 243 -27.01 -12.20 -17.28
C ALA C 243 -28.17 -13.05 -16.78
N LEU C 244 -29.25 -13.08 -17.54
CA LEU C 244 -30.39 -13.89 -17.19
C LEU C 244 -30.04 -15.37 -17.17
N ALA C 245 -29.23 -15.82 -18.12
CA ALA C 245 -28.79 -17.22 -18.16
C ALA C 245 -27.89 -17.55 -16.97
N ALA C 246 -27.01 -16.63 -16.60
CA ALA C 246 -26.14 -16.85 -15.45
C ALA C 246 -26.98 -17.06 -14.20
N LEU C 247 -28.04 -16.25 -14.05
CA LEU C 247 -28.95 -16.38 -12.92
C LEU C 247 -29.60 -17.77 -12.84
N ASP C 248 -30.11 -18.28 -13.96
CA ASP C 248 -30.73 -19.60 -14.00
C ASP C 248 -29.78 -20.74 -13.65
N ALA C 249 -28.48 -20.48 -13.78
CA ALA C 249 -27.48 -21.50 -13.50
C ALA C 249 -26.64 -21.25 -12.24
N LEU C 250 -27.11 -20.41 -11.33
CA LEU C 250 -26.37 -20.20 -10.08
C LEU C 250 -26.17 -21.53 -9.36
N PRO C 251 -24.94 -21.78 -8.87
CA PRO C 251 -24.60 -23.07 -8.29
C PRO C 251 -25.29 -23.31 -6.95
N THR C 252 -25.57 -22.24 -6.22
CA THR C 252 -26.32 -22.31 -4.99
C THR C 252 -27.63 -21.59 -5.22
N ALA C 253 -28.71 -22.22 -4.78
CA ALA C 253 -30.03 -21.66 -4.98
C ALA C 253 -30.13 -20.23 -4.41
N TYR C 254 -30.75 -19.35 -5.18
CA TYR C 254 -31.07 -18.00 -4.72
C TYR C 254 -32.57 -17.77 -4.86
N ARG C 255 -33.23 -17.56 -3.74
CA ARG C 255 -34.60 -17.07 -3.72
C ARG C 255 -34.66 -15.86 -2.80
N MET C 256 -35.29 -14.79 -3.27
CA MET C 256 -35.46 -13.59 -2.47
C MET C 256 -36.64 -12.81 -3.02
N SER C 257 -37.82 -13.23 -2.58
CA SER C 257 -39.09 -12.75 -3.10
C SER C 257 -39.59 -11.50 -2.38
N ARG C 258 -40.73 -11.00 -2.83
CA ARG C 258 -41.42 -9.94 -2.11
C ARG C 258 -41.68 -10.38 -0.68
N ASP C 259 -42.11 -11.64 -0.51
CA ASP C 259 -42.37 -12.12 0.83
C ASP C 259 -41.10 -12.21 1.64
N ASP C 260 -40.00 -12.60 1.00
CA ASP C 260 -38.72 -12.65 1.70
C ASP C 260 -38.31 -11.24 2.13
N ALA C 261 -38.57 -10.26 1.28
CA ALA C 261 -38.29 -8.87 1.61
C ALA C 261 -39.04 -8.45 2.88
N LEU C 262 -40.32 -8.80 2.97
CA LEU C 262 -41.11 -8.56 4.17
C LEU C 262 -40.53 -9.24 5.42
N GLN C 263 -40.20 -10.51 5.30
CA GLN C 263 -39.61 -11.24 6.41
C GLN C 263 -38.25 -10.65 6.82
N ALA C 264 -37.57 -9.99 5.88
CA ALA C 264 -36.24 -9.45 6.16
C ALA C 264 -36.32 -8.13 6.91
N GLY C 265 -37.47 -7.48 6.85
CA GLY C 265 -37.66 -6.26 7.59
C GLY C 265 -38.25 -5.10 6.82
N LEU C 266 -38.34 -5.23 5.50
CA LEU C 266 -38.94 -4.17 4.68
C LEU C 266 -40.46 -4.17 4.79
N SER C 267 -41.05 -3.00 4.67
CA SER C 267 -42.49 -2.88 4.47
C SER C 267 -42.82 -3.15 3.02
N GLU C 268 -44.10 -3.30 2.72
CA GLU C 268 -44.51 -3.59 1.37
C GLU C 268 -44.22 -2.43 0.44
N ALA C 269 -44.46 -1.20 0.92
CA ALA C 269 -44.22 -0.01 0.11
C ALA C 269 -42.72 0.18 -0.14
N GLN C 270 -41.89 -0.13 0.84
CA GLN C 270 -40.45 -0.03 0.67
C GLN C 270 -39.96 -1.04 -0.38
N THR C 271 -40.59 -2.21 -0.40
CA THR C 271 -40.28 -3.24 -1.38
C THR C 271 -40.67 -2.81 -2.80
N ASP C 272 -41.84 -2.21 -2.95
CA ASP C 272 -42.26 -1.68 -4.24
C ASP C 272 -41.24 -0.67 -4.79
N GLU C 273 -40.74 0.19 -3.90
CA GLU C 273 -39.77 1.20 -4.29
C GLU C 273 -38.43 0.58 -4.69
N LEU C 274 -37.96 -0.38 -3.89
CA LEU C 274 -36.77 -1.16 -4.20
C LEU C 274 -36.83 -1.80 -5.58
N ILE C 275 -38.00 -2.32 -5.93
CA ILE C 275 -38.16 -2.97 -7.21
C ILE C 275 -37.91 -1.99 -8.34
N GLN C 276 -38.43 -0.78 -8.21
CA GLN C 276 -38.15 0.27 -9.18
C GLN C 276 -36.66 0.62 -9.26
N VAL C 277 -36.02 0.72 -8.10
CA VAL C 277 -34.62 1.08 -8.04
C VAL C 277 -33.74 0.02 -8.69
N ILE C 278 -33.95 -1.23 -8.32
CA ILE C 278 -33.11 -2.28 -8.87
C ILE C 278 -33.36 -2.46 -10.36
N SER C 279 -34.59 -2.24 -10.82
CA SER C 279 -34.88 -2.40 -12.23
C SER C 279 -34.08 -1.40 -13.07
N LEU C 280 -33.98 -0.17 -12.60
CA LEU C 280 -33.24 0.83 -13.33
C LEU C 280 -31.74 0.50 -13.37
N PHE C 281 -31.18 0.13 -12.23
CA PHE C 281 -29.77 -0.26 -12.18
C PHE C 281 -29.48 -1.49 -13.02
N GLN C 282 -30.35 -2.48 -12.99
CA GLN C 282 -30.14 -3.71 -13.74
C GLN C 282 -30.11 -3.41 -15.24
N TRP C 283 -30.99 -2.53 -15.69
CA TRP C 283 -30.99 -2.08 -17.07
C TRP C 283 -29.73 -1.30 -17.42
N MET C 284 -29.33 -0.40 -16.53
CA MET C 284 -28.15 0.43 -16.72
C MET C 284 -26.90 -0.43 -16.96
N LEU C 285 -26.80 -1.52 -16.22
CA LEU C 285 -25.58 -2.30 -16.16
C LEU C 285 -25.19 -2.98 -17.49
N SER C 286 -26.16 -3.43 -18.29
CA SER C 286 -25.83 -3.97 -19.61
C SER C 286 -25.17 -2.90 -20.46
N GLY C 287 -25.67 -1.67 -20.37
CA GLY C 287 -25.11 -0.57 -21.11
C GLY C 287 -23.70 -0.22 -20.64
N LEU C 288 -23.47 -0.29 -19.33
CA LEU C 288 -22.21 0.13 -18.75
C LEU C 288 -21.08 -0.81 -19.18
N VAL C 289 -21.41 -2.10 -19.29
CA VAL C 289 -20.44 -3.08 -19.74
C VAL C 289 -19.96 -2.76 -21.15
N LEU C 290 -20.90 -2.43 -22.04
CA LEU C 290 -20.56 -2.07 -23.41
C LEU C 290 -19.69 -0.81 -23.44
N ASN C 291 -20.08 0.20 -22.67
CA ASN C 291 -19.36 1.46 -22.60
C ASN C 291 -17.91 1.31 -22.15
N VAL C 292 -17.68 0.51 -21.11
CA VAL C 292 -16.34 0.34 -20.60
C VAL C 292 -15.49 -0.44 -21.60
N THR C 293 -16.12 -1.40 -22.28
CA THR C 293 -15.47 -2.13 -23.35
C THR C 293 -15.00 -1.16 -24.43
N HIS C 294 -15.86 -0.21 -24.77
CA HIS C 294 -15.54 0.80 -25.76
C HIS C 294 -14.34 1.66 -25.32
N PHE C 295 -14.43 2.22 -24.11
CA PHE C 295 -13.31 2.96 -23.52
C PHE C 295 -12.00 2.15 -23.60
N LYS C 296 -12.10 0.88 -23.25
CA LYS C 296 -10.94 0.03 -23.15
C LYS C 296 -10.32 -0.25 -24.52
N GLN C 297 -11.16 -0.45 -25.54
CA GLN C 297 -10.65 -0.65 -26.88
C GLN C 297 -10.06 0.65 -27.47
N GLN C 298 -10.65 1.81 -27.15
CA GLN C 298 -10.02 3.08 -27.49
C GLN C 298 -8.57 3.17 -27.02
N ALA C 299 -8.34 2.68 -25.80
CA ALA C 299 -7.08 2.91 -25.11
C ALA C 299 -6.03 1.84 -25.37
N LEU C 300 -6.32 0.90 -26.25
CA LEU C 300 -5.38 -0.20 -26.55
C LEU C 300 -4.00 0.27 -26.96
N ILE D 8 1.85 -50.37 -12.79
CA ILE D 8 0.92 -50.34 -11.67
C ILE D 8 0.27 -48.95 -11.54
N HIS D 9 1.05 -47.88 -11.72
CA HIS D 9 0.49 -46.52 -11.71
C HIS D 9 1.42 -45.48 -12.32
N LEU D 10 0.83 -44.44 -12.90
CA LEU D 10 1.56 -43.35 -13.52
C LEU D 10 2.53 -42.67 -12.56
N GLN D 11 3.79 -42.54 -12.95
CA GLN D 11 4.73 -41.76 -12.16
C GLN D 11 5.68 -40.96 -13.04
N LEU D 12 5.90 -39.72 -12.63
CA LEU D 12 6.70 -38.75 -13.36
C LEU D 12 8.15 -38.88 -12.95
N PRO D 13 9.01 -39.31 -13.89
CA PRO D 13 10.42 -39.46 -13.56
C PRO D 13 11.11 -38.12 -13.28
N ARG D 14 11.88 -38.08 -12.20
CA ARG D 14 12.70 -36.93 -11.87
C ARG D 14 13.92 -36.90 -12.76
N PRO D 15 14.16 -35.78 -13.45
CA PRO D 15 15.31 -35.68 -14.35
C PRO D 15 16.63 -35.67 -13.59
N VAL D 16 17.73 -35.78 -14.32
CA VAL D 16 19.04 -35.64 -13.70
C VAL D 16 19.47 -34.19 -13.77
N CYS D 17 19.80 -33.61 -12.63
CA CYS D 17 20.35 -32.27 -12.60
C CYS D 17 21.56 -32.22 -11.67
N GLU D 18 22.74 -32.10 -12.25
CA GLU D 18 23.94 -31.92 -11.45
C GLU D 18 24.47 -30.51 -11.65
N ALA D 19 23.75 -29.73 -12.44
CA ALA D 19 24.08 -28.33 -12.65
C ALA D 19 23.74 -27.50 -11.42
N ILE D 20 24.58 -26.52 -11.13
CA ILE D 20 24.32 -25.63 -10.01
C ILE D 20 23.24 -24.63 -10.39
N ILE D 21 22.30 -24.43 -9.47
CA ILE D 21 21.20 -23.51 -9.68
C ILE D 21 21.54 -22.17 -9.03
N ARG D 22 21.45 -21.09 -9.80
CA ARG D 22 21.91 -19.79 -9.31
C ARG D 22 20.85 -18.69 -9.39
N PRO D 23 19.78 -18.81 -8.60
CA PRO D 23 18.66 -17.88 -8.74
C PRO D 23 19.04 -16.44 -8.40
N VAL D 24 18.56 -15.48 -9.19
CA VAL D 24 18.73 -14.08 -8.85
C VAL D 24 17.45 -13.58 -8.19
N PRO D 25 17.47 -13.43 -6.85
CA PRO D 25 16.27 -13.03 -6.12
C PRO D 25 15.91 -11.58 -6.36
N GLU D 26 14.65 -11.23 -6.14
CA GLU D 26 14.19 -9.88 -6.44
C GLU D 26 14.95 -8.84 -5.63
N HIS D 27 15.36 -9.19 -4.41
CA HIS D 27 16.06 -8.20 -3.59
C HIS D 27 17.51 -7.98 -4.03
N ARG D 28 18.01 -8.79 -4.96
CA ARG D 28 19.36 -8.60 -5.50
C ARG D 28 19.41 -8.14 -6.95
N ALA D 29 18.30 -8.30 -7.68
CA ALA D 29 18.28 -8.00 -9.11
C ALA D 29 18.61 -6.56 -9.43
N ASP D 30 19.47 -6.33 -10.41
CA ASP D 30 19.84 -4.98 -10.79
C ASP D 30 18.66 -4.33 -11.52
N GLN D 31 18.85 -3.07 -11.90
CA GLN D 31 17.82 -2.26 -12.55
C GLN D 31 17.21 -2.92 -13.79
N GLU D 32 18.06 -3.40 -14.68
CA GLU D 32 17.62 -3.97 -15.94
C GLU D 32 16.86 -5.29 -15.74
N LEU D 33 17.35 -6.14 -14.85
CA LEU D 33 16.66 -7.39 -14.60
C LEU D 33 15.32 -7.11 -13.90
N SER D 34 15.32 -6.13 -13.01
CA SER D 34 14.12 -5.77 -12.26
C SER D 34 12.99 -5.32 -13.15
N GLU D 35 13.32 -4.72 -14.30
CA GLU D 35 12.31 -4.31 -15.26
C GLU D 35 11.63 -5.52 -15.90
N ILE D 36 12.42 -6.52 -16.27
CA ILE D 36 11.88 -7.74 -16.82
C ILE D 36 11.01 -8.44 -15.77
N TYR D 37 11.53 -8.55 -14.55
CA TYR D 37 10.79 -9.07 -13.40
C TYR D 37 9.45 -8.37 -13.20
N ARG D 38 9.44 -7.06 -13.38
CA ARG D 38 8.22 -6.30 -13.18
C ARG D 38 7.21 -6.65 -14.27
N ASP D 39 7.68 -6.73 -15.52
CA ASP D 39 6.80 -7.07 -16.63
C ASP D 39 6.21 -8.48 -16.47
N LEU D 40 7.02 -9.42 -15.99
CA LEU D 40 6.60 -10.80 -15.76
C LEU D 40 5.46 -10.86 -14.75
N LYS D 41 5.66 -10.18 -13.63
CA LYS D 41 4.65 -10.11 -12.56
C LYS D 41 3.37 -9.42 -13.03
N ALA D 42 3.53 -8.34 -13.78
CA ALA D 42 2.39 -7.58 -14.27
C ALA D 42 1.58 -8.43 -15.26
N THR D 43 2.28 -9.23 -16.07
CA THR D 43 1.64 -10.03 -17.11
C THR D 43 0.99 -11.29 -16.55
N PHE D 44 1.67 -11.94 -15.60
CA PHE D 44 1.11 -13.10 -14.90
C PHE D 44 0.06 -12.66 -13.92
N GLY D 45 0.19 -11.44 -13.43
CA GLY D 45 -0.74 -10.91 -12.44
C GLY D 45 -0.45 -11.40 -11.04
N VAL D 46 0.83 -11.61 -10.74
CA VAL D 46 1.27 -12.17 -9.46
C VAL D 46 2.29 -11.27 -8.76
N PRO D 47 2.36 -11.33 -7.42
CA PRO D 47 3.19 -10.41 -6.65
C PRO D 47 4.61 -10.90 -6.36
N TRP D 48 5.03 -11.97 -7.02
CA TRP D 48 6.35 -12.50 -6.77
C TRP D 48 6.96 -13.15 -8.02
N VAL D 49 8.28 -13.07 -8.12
CA VAL D 49 9.01 -13.73 -9.19
C VAL D 49 9.40 -15.14 -8.75
N GLY D 50 8.91 -16.14 -9.47
CA GLY D 50 9.22 -17.52 -9.18
C GLY D 50 10.69 -17.88 -9.17
N VAL D 51 11.07 -18.85 -8.33
CA VAL D 51 12.44 -19.30 -8.29
C VAL D 51 12.86 -19.92 -9.62
N ILE D 52 11.90 -20.53 -10.33
CA ILE D 52 12.11 -21.00 -11.69
C ILE D 52 12.64 -19.87 -12.57
N THR D 53 11.96 -18.73 -12.52
CA THR D 53 12.33 -17.64 -13.40
C THR D 53 13.57 -16.96 -12.85
N GLN D 54 13.77 -16.99 -11.54
CA GLN D 54 15.00 -16.49 -10.95
C GLN D 54 16.23 -17.26 -11.41
N ALA D 55 16.09 -18.56 -11.55
CA ALA D 55 17.20 -19.42 -11.94
C ALA D 55 17.50 -19.27 -13.43
N VAL D 56 16.45 -19.14 -14.23
CA VAL D 56 16.61 -18.92 -15.66
C VAL D 56 17.27 -17.54 -15.91
N ALA D 57 16.93 -16.57 -15.07
CA ALA D 57 17.47 -15.22 -15.19
C ALA D 57 19.00 -15.16 -15.07
N TYR D 58 19.59 -16.14 -14.41
CA TYR D 58 21.04 -16.24 -14.39
C TYR D 58 21.61 -16.23 -15.82
N TYR D 59 20.94 -16.94 -16.71
CA TYR D 59 21.28 -16.91 -18.14
C TYR D 59 20.50 -15.76 -18.77
N ARG D 60 20.90 -14.54 -18.45
CA ARG D 60 20.03 -13.38 -18.66
C ARG D 60 19.60 -13.14 -20.12
N PRO D 61 20.52 -13.23 -21.09
CA PRO D 61 20.00 -12.96 -22.44
C PRO D 61 18.99 -14.02 -22.91
N PHE D 62 19.15 -15.27 -22.49
CA PHE D 62 18.16 -16.28 -22.80
C PHE D 62 16.83 -15.92 -22.12
N PHE D 63 16.87 -15.61 -20.82
CA PHE D 63 15.68 -15.28 -20.06
C PHE D 63 14.92 -14.11 -20.68
N ALA D 64 15.63 -13.03 -21.02
CA ALA D 64 15.00 -11.89 -21.67
C ALA D 64 14.33 -12.27 -23.02
N GLU D 65 14.97 -13.11 -23.83
CA GLU D 65 14.43 -13.43 -25.15
C GLU D 65 13.30 -14.46 -25.04
N ALA D 66 13.45 -15.43 -24.14
CA ALA D 66 12.40 -16.39 -23.87
C ALA D 66 11.14 -15.69 -23.35
N TRP D 67 11.28 -14.75 -22.43
CA TRP D 67 10.12 -14.04 -21.91
C TRP D 67 9.46 -13.21 -23.01
N ARG D 68 10.29 -12.53 -23.80
CA ARG D 68 9.81 -11.78 -24.95
C ARG D 68 8.96 -12.64 -25.89
N ARG D 69 9.36 -13.88 -26.13
CA ARG D 69 8.61 -14.76 -27.03
C ARG D 69 7.38 -15.40 -26.39
N PHE D 70 7.40 -15.63 -25.08
CA PHE D 70 6.29 -16.25 -24.38
C PHE D 70 5.22 -15.23 -23.95
N ALA D 71 5.65 -14.03 -23.61
CA ALA D 71 4.75 -12.97 -23.14
C ALA D 71 3.46 -12.78 -23.97
N PRO D 72 3.55 -12.76 -25.32
CA PRO D 72 2.29 -12.56 -26.06
C PRO D 72 1.22 -13.60 -25.72
N SER D 73 1.63 -14.85 -25.58
CA SER D 73 0.71 -15.89 -25.16
C SER D 73 0.21 -15.70 -23.73
N ALA D 74 1.09 -15.28 -22.83
CA ALA D 74 0.73 -15.16 -21.44
C ALA D 74 -0.32 -14.06 -21.21
N LYS D 75 -0.40 -13.12 -22.15
CA LYS D 75 -1.35 -12.02 -22.03
C LYS D 75 -2.77 -12.41 -22.46
N THR D 76 -2.94 -13.66 -22.91
CA THR D 76 -4.19 -14.07 -23.53
C THR D 76 -5.22 -14.73 -22.61
N HIS D 77 -6.47 -14.67 -23.05
CA HIS D 77 -7.59 -15.37 -22.47
C HIS D 77 -7.30 -16.87 -22.37
N PHE D 78 -6.72 -17.44 -23.42
CA PHE D 78 -6.30 -18.83 -23.41
C PHE D 78 -5.40 -19.18 -22.22
N PHE D 79 -4.36 -18.38 -22.00
CA PHE D 79 -3.36 -18.71 -20.99
C PHE D 79 -3.98 -18.69 -19.61
N GLU D 80 -4.76 -17.65 -19.35
CA GLU D 80 -5.52 -17.51 -18.12
C GLU D 80 -6.36 -18.74 -17.84
N ARG D 81 -7.12 -19.15 -18.85
CA ARG D 81 -8.03 -20.28 -18.71
C ARG D 81 -7.26 -21.59 -18.52
N ALA D 82 -6.23 -21.80 -19.34
CA ALA D 82 -5.42 -23.02 -19.23
C ALA D 82 -4.76 -23.15 -17.85
N SER D 83 -4.25 -22.03 -17.34
CA SER D 83 -3.65 -22.01 -16.00
C SER D 83 -4.72 -22.31 -14.94
N ASP D 84 -5.84 -21.59 -15.03
CA ASP D 84 -6.94 -21.76 -14.10
C ASP D 84 -7.43 -23.21 -14.08
N ASP D 85 -7.54 -23.81 -15.25
CA ASP D 85 -7.96 -25.21 -15.39
C ASP D 85 -7.01 -26.18 -14.70
N ILE D 86 -5.75 -25.80 -14.60
CA ILE D 86 -4.80 -26.65 -13.90
C ILE D 86 -5.02 -26.56 -12.39
N ARG D 87 -5.25 -25.35 -11.91
CA ARG D 87 -5.69 -25.16 -10.53
C ARG D 87 -6.91 -26.03 -10.21
N ILE D 88 -7.89 -25.98 -11.10
CA ILE D 88 -9.14 -26.70 -10.93
C ILE D 88 -8.89 -28.20 -10.91
N ARG D 89 -8.11 -28.69 -11.86
CA ARG D 89 -7.79 -30.12 -11.93
C ARG D 89 -7.11 -30.58 -10.63
N SER D 90 -6.22 -29.75 -10.10
CA SER D 90 -5.48 -30.10 -8.91
C SER D 90 -6.43 -30.21 -7.71
N TRP D 91 -7.29 -29.20 -7.58
CA TRP D 91 -8.32 -29.18 -6.55
C TRP D 91 -9.14 -30.48 -6.62
N GLU D 92 -9.54 -30.83 -7.83
CA GLU D 92 -10.32 -32.02 -8.12
C GLU D 92 -9.60 -33.31 -7.70
N LEU D 93 -8.35 -33.45 -8.11
CA LEU D 93 -7.58 -34.68 -7.87
C LEU D 93 -7.34 -34.91 -6.40
N MET D 94 -6.93 -33.86 -5.70
CA MET D 94 -6.57 -33.98 -4.30
C MET D 94 -7.81 -34.22 -3.45
N GLY D 95 -8.91 -33.56 -3.82
CA GLY D 95 -10.18 -33.80 -3.17
C GLY D 95 -10.63 -35.25 -3.25
N GLN D 96 -10.55 -35.82 -4.45
CA GLN D 96 -10.92 -37.21 -4.73
C GLN D 96 -9.99 -38.25 -4.10
N SER D 97 -8.69 -37.99 -4.11
CA SER D 97 -7.72 -39.05 -3.80
C SER D 97 -7.32 -39.12 -2.34
N PHE D 98 -7.57 -38.06 -1.60
CA PHE D 98 -7.10 -37.98 -0.22
C PHE D 98 -8.19 -37.49 0.72
N VAL D 99 -8.19 -38.03 1.93
CA VAL D 99 -9.00 -37.50 3.01
C VAL D 99 -8.21 -36.42 3.72
N ILE D 100 -8.55 -35.18 3.47
CA ILE D 100 -7.72 -34.08 3.96
C ILE D 100 -8.42 -33.40 5.11
N GLU D 101 -7.95 -33.66 6.31
CA GLU D 101 -8.64 -33.14 7.49
C GLU D 101 -8.35 -31.67 7.69
N GLY D 102 -9.38 -30.93 8.12
CA GLY D 102 -9.24 -29.51 8.36
C GLY D 102 -8.35 -29.25 9.56
N GLN D 103 -7.50 -28.22 9.44
CA GLN D 103 -6.53 -27.91 10.48
C GLN D 103 -6.81 -26.59 11.19
N THR D 104 -7.91 -25.94 10.82
CA THR D 104 -8.30 -24.64 11.38
C THR D 104 -8.49 -24.68 12.89
N ASP D 105 -9.11 -25.75 13.40
CA ASP D 105 -9.29 -25.89 14.84
C ASP D 105 -7.96 -26.03 15.56
N ARG D 106 -7.04 -26.79 15.00
CA ARG D 106 -5.73 -26.96 15.61
C ARG D 106 -4.97 -25.65 15.64
N LEU D 107 -5.07 -24.88 14.56
CA LEU D 107 -4.40 -23.60 14.47
C LEU D 107 -4.92 -22.68 15.55
N ARG D 108 -6.25 -22.66 15.72
CA ARG D 108 -6.85 -21.86 16.78
C ARG D 108 -6.30 -22.29 18.14
N GLU D 109 -6.23 -23.60 18.35
CA GLU D 109 -5.74 -24.13 19.62
C GLU D 109 -4.30 -23.76 19.85
N MET D 110 -3.55 -23.53 18.77
CA MET D 110 -2.15 -23.14 18.88
C MET D 110 -2.01 -21.64 19.16
N GLY D 111 -3.13 -20.92 19.15
CA GLY D 111 -3.12 -19.50 19.44
C GLY D 111 -3.35 -18.57 18.26
N TYR D 112 -3.59 -19.13 17.07
CA TYR D 112 -3.85 -18.32 15.88
C TYR D 112 -5.25 -17.73 15.86
N SER D 113 -5.35 -16.42 15.66
CA SER D 113 -6.63 -15.75 15.58
C SER D 113 -7.31 -15.99 14.24
N VAL D 114 -8.55 -15.55 14.15
CA VAL D 114 -9.33 -15.59 12.93
C VAL D 114 -8.64 -14.75 11.85
N ARG D 115 -8.17 -13.56 12.21
CA ARG D 115 -7.50 -12.68 11.23
C ARG D 115 -6.22 -13.32 10.70
N GLU D 116 -5.47 -13.97 11.60
CA GLU D 116 -4.21 -14.55 11.23
C GLU D 116 -4.41 -15.72 10.25
N ILE D 117 -5.40 -16.56 10.53
CA ILE D 117 -5.69 -17.70 9.68
C ILE D 117 -6.15 -17.19 8.32
N GLY D 118 -6.86 -16.06 8.33
CA GLY D 118 -7.27 -15.41 7.11
C GLY D 118 -6.08 -14.97 6.28
N GLN D 119 -5.05 -14.44 6.95
CA GLN D 119 -3.83 -14.00 6.29
C GLN D 119 -3.06 -15.18 5.68
N ILE D 120 -3.09 -16.30 6.38
CA ILE D 120 -2.44 -17.51 5.92
C ILE D 120 -3.10 -17.99 4.62
N ARG D 121 -4.43 -17.98 4.60
CA ARG D 121 -5.19 -18.38 3.41
C ARG D 121 -4.88 -17.49 2.22
N ALA D 122 -4.71 -16.19 2.49
CA ALA D 122 -4.46 -15.22 1.43
C ALA D 122 -3.12 -15.50 0.75
N VAL D 123 -2.13 -15.87 1.56
CA VAL D 123 -0.82 -16.25 1.08
C VAL D 123 -0.91 -17.53 0.22
N LEU D 124 -1.62 -18.54 0.71
CA LEU D 124 -1.81 -19.76 -0.05
C LEU D 124 -2.50 -19.49 -1.40
N ASP D 125 -3.46 -18.56 -1.42
CA ASP D 125 -4.17 -18.17 -2.64
C ASP D 125 -3.25 -17.64 -3.74
N ILE D 126 -2.26 -16.85 -3.34
CA ILE D 126 -1.28 -16.28 -4.27
C ILE D 126 -0.64 -17.39 -5.10
N PHE D 127 -0.18 -18.42 -4.41
CA PHE D 127 0.50 -19.51 -5.07
C PHE D 127 -0.44 -20.48 -5.77
N ASP D 128 -1.64 -20.66 -5.23
CA ASP D 128 -2.64 -21.52 -5.86
C ASP D 128 -2.99 -20.92 -7.23
N TYR D 129 -3.04 -19.59 -7.31
CA TYR D 129 -3.32 -18.90 -8.56
C TYR D 129 -2.13 -18.91 -9.54
N GLY D 130 -0.95 -18.59 -9.05
CA GLY D 130 0.19 -18.32 -9.89
C GLY D 130 1.01 -19.51 -10.38
N ASN D 131 1.16 -20.54 -9.55
CA ASN D 131 1.99 -21.67 -9.91
C ASN D 131 1.64 -22.38 -11.25
N PRO D 132 0.35 -22.52 -11.58
CA PRO D 132 0.07 -23.06 -12.92
C PRO D 132 0.72 -22.25 -14.05
N LYS D 133 0.74 -20.93 -13.91
CA LYS D 133 1.31 -20.08 -14.95
C LYS D 133 2.81 -20.33 -15.09
N TYR D 134 3.49 -20.47 -13.96
CA TYR D 134 4.92 -20.79 -13.94
C TYR D 134 5.16 -22.17 -14.49
N LEU D 135 4.27 -23.11 -14.17
CA LEU D 135 4.36 -24.48 -14.70
C LEU D 135 4.33 -24.47 -16.23
N ILE D 136 3.36 -23.78 -16.80
CA ILE D 136 3.24 -23.75 -18.25
C ILE D 136 4.46 -23.06 -18.89
N PHE D 137 4.94 -21.98 -18.29
CA PHE D 137 6.12 -21.28 -18.81
C PHE D 137 7.37 -22.19 -18.75
N ALA D 138 7.55 -22.90 -17.63
CA ALA D 138 8.72 -23.75 -17.48
C ALA D 138 8.65 -24.91 -18.47
N THR D 139 7.44 -25.35 -18.77
CA THR D 139 7.23 -26.41 -19.72
C THR D 139 7.60 -25.90 -21.11
N ALA D 140 7.15 -24.70 -21.45
CA ALA D 140 7.54 -24.06 -22.70
C ALA D 140 9.06 -23.96 -22.84
N ILE D 141 9.74 -23.53 -21.78
CA ILE D 141 11.18 -23.31 -21.86
C ILE D 141 11.90 -24.64 -22.07
N LYS D 142 11.52 -25.63 -21.27
CA LYS D 142 12.13 -26.95 -21.35
C LYS D 142 11.93 -27.60 -22.72
N GLU D 143 10.69 -27.67 -23.16
CA GLU D 143 10.39 -28.40 -24.39
C GLU D 143 10.93 -27.67 -25.61
N GLY D 144 10.95 -26.35 -25.57
CA GLY D 144 11.52 -25.57 -26.65
C GLY D 144 13.00 -25.85 -26.84
N LEU D 145 13.70 -26.03 -25.73
CA LEU D 145 15.13 -26.29 -25.74
C LEU D 145 15.42 -27.72 -26.15
N LEU D 146 14.65 -28.66 -25.60
CA LEU D 146 14.88 -30.07 -25.87
C LEU D 146 14.51 -30.47 -27.30
N SER D 147 13.42 -29.90 -27.81
CA SER D 147 12.85 -30.34 -29.10
C SER D 147 13.21 -29.45 -30.29
N GLY D 148 13.49 -28.17 -30.02
CA GLY D 148 13.70 -27.19 -31.08
C GLY D 148 12.44 -26.88 -31.88
N ARG D 149 11.30 -27.34 -31.38
CA ARG D 149 10.04 -27.20 -32.08
C ARG D 149 9.39 -25.83 -31.88
N THR D 150 8.52 -25.46 -32.80
CA THR D 150 7.70 -24.28 -32.69
C THR D 150 6.34 -24.71 -32.16
N PHE D 151 5.91 -24.11 -31.05
CA PHE D 151 4.70 -24.52 -30.37
C PHE D 151 3.57 -23.52 -30.55
N GLY D 152 2.40 -24.02 -30.94
CA GLY D 152 1.20 -23.21 -31.02
C GLY D 152 1.17 -22.25 -32.18
N GLY D 153 0.39 -21.19 -32.06
CA GLY D 153 0.23 -20.21 -33.12
C GLY D 153 -0.91 -20.58 -34.05
N ALA D 154 -1.69 -21.59 -33.66
CA ALA D 154 -2.79 -22.07 -34.48
C ALA D 154 -3.93 -21.06 -34.56
N ALA D 155 -4.47 -20.89 -35.76
CA ALA D 155 -5.71 -20.14 -35.88
C ALA D 155 -6.83 -21.07 -35.48
N GLY D 156 -7.59 -20.64 -34.48
CA GLY D 156 -8.71 -21.40 -33.97
C GLY D 156 -9.77 -20.41 -33.53
N ASP D 157 -10.23 -20.54 -32.29
CA ASP D 157 -11.20 -19.60 -31.73
C ASP D 157 -10.55 -18.25 -31.52
N ALA D 158 -11.09 -17.23 -32.18
CA ALA D 158 -10.58 -15.87 -32.04
C ALA D 158 -10.52 -15.39 -30.60
N ARG D 159 -11.45 -15.86 -29.78
CA ARG D 159 -11.56 -15.42 -28.39
C ARG D 159 -10.35 -15.84 -27.57
N CYS D 160 -9.67 -16.88 -28.02
CA CYS D 160 -8.46 -17.36 -27.35
C CYS D 160 -7.38 -16.28 -27.33
N HIS D 161 -7.41 -15.37 -28.30
CA HIS D 161 -6.42 -14.32 -28.42
C HIS D 161 -6.80 -13.03 -27.68
N PHE D 162 -8.03 -12.97 -27.19
CA PHE D 162 -8.52 -11.85 -26.40
C PHE D 162 -7.65 -11.63 -25.15
N PRO D 163 -7.66 -10.41 -24.58
CA PRO D 163 -6.91 -10.22 -23.34
C PRO D 163 -7.47 -11.07 -22.21
N ARG D 164 -6.59 -11.56 -21.35
CA ARG D 164 -7.02 -12.34 -20.19
C ARG D 164 -7.86 -11.50 -19.22
N SER D 165 -8.57 -12.18 -18.34
CA SER D 165 -9.24 -11.55 -17.21
C SER D 165 -8.29 -10.53 -16.57
N PRO D 166 -8.69 -9.25 -16.56
CA PRO D 166 -7.75 -8.14 -16.38
C PRO D 166 -7.31 -7.79 -14.96
N ILE D 167 -7.95 -8.30 -13.92
CA ILE D 167 -7.59 -7.81 -12.60
C ILE D 167 -6.40 -8.60 -12.09
N CYS D 168 -5.60 -7.95 -11.25
CA CYS D 168 -4.45 -8.63 -10.68
C CYS D 168 -3.92 -8.01 -9.41
N GLN D 169 -3.01 -8.77 -8.81
CA GLN D 169 -2.44 -8.50 -7.52
C GLN D 169 -0.91 -8.59 -7.65
N ILE D 170 -0.20 -7.46 -7.74
CA ILE D 170 1.22 -7.59 -8.01
C ILE D 170 2.15 -6.96 -6.96
N ASP D 171 1.57 -6.34 -5.94
CA ASP D 171 2.31 -5.79 -4.80
C ASP D 171 1.62 -6.16 -3.51
N PRO D 172 2.37 -6.32 -2.41
CA PRO D 172 3.84 -6.31 -2.33
C PRO D 172 4.37 -7.72 -2.56
N ILE D 173 5.69 -7.89 -2.63
CA ILE D 173 6.29 -9.21 -2.65
C ILE D 173 5.96 -9.88 -1.33
N PRO D 174 5.47 -11.14 -1.36
CA PRO D 174 5.16 -11.85 -0.12
C PRO D 174 6.35 -11.90 0.80
N VAL D 175 6.12 -11.81 2.10
CA VAL D 175 7.17 -12.02 3.08
C VAL D 175 7.66 -13.46 3.02
N MET D 176 8.93 -13.62 2.70
CA MET D 176 9.54 -14.94 2.57
C MET D 176 10.75 -15.06 3.46
N VAL D 177 10.85 -16.15 4.20
CA VAL D 177 11.98 -16.36 5.08
C VAL D 177 13.06 -17.10 4.31
N GLU D 178 14.02 -16.33 3.80
CA GLU D 178 15.10 -16.85 2.98
C GLU D 178 16.01 -17.76 3.82
N GLU D 179 16.74 -18.65 3.16
CA GLU D 179 17.59 -19.59 3.86
C GLU D 179 18.63 -18.88 4.72
N HIS D 180 19.15 -17.76 4.24
CA HIS D 180 20.10 -17.02 5.07
C HIS D 180 19.39 -16.24 6.19
N HIS D 181 18.08 -16.06 6.10
CA HIS D 181 17.31 -15.50 7.21
C HIS D 181 17.10 -16.53 8.31
N ALA D 182 16.89 -17.78 7.90
CA ALA D 182 16.47 -18.82 8.81
C ALA D 182 17.49 -19.15 9.86
N GLY D 183 17.02 -19.53 11.03
CA GLY D 183 17.89 -20.08 12.04
C GLY D 183 17.46 -21.46 12.48
N GLY D 184 18.44 -22.33 12.75
CA GLY D 184 18.21 -23.57 13.47
C GLY D 184 17.10 -24.49 12.98
N THR D 185 15.99 -24.51 13.69
CA THR D 185 14.91 -25.45 13.36
C THR D 185 14.23 -25.19 12.03
N LEU D 186 14.19 -23.94 11.60
CA LEU D 186 13.60 -23.66 10.31
C LEU D 186 14.46 -24.30 9.24
N SER D 187 15.78 -24.18 9.38
CA SER D 187 16.71 -24.83 8.45
C SER D 187 16.51 -26.35 8.45
N GLN D 188 16.18 -26.92 9.60
CA GLN D 188 15.82 -28.34 9.69
C GLN D 188 14.54 -28.69 8.92
N VAL D 189 13.51 -27.86 9.06
CA VAL D 189 12.27 -28.03 8.30
C VAL D 189 12.56 -27.87 6.82
N TYR D 190 13.38 -26.88 6.50
CA TYR D 190 13.81 -26.67 5.13
C TYR D 190 14.60 -27.89 4.64
N ALA D 191 15.43 -28.47 5.49
CA ALA D 191 16.18 -29.66 5.09
C ALA D 191 15.24 -30.83 4.80
N ASP D 192 14.23 -30.98 5.65
CA ASP D 192 13.25 -32.04 5.50
C ASP D 192 12.50 -31.88 4.17
N ILE D 193 12.10 -30.66 3.87
CA ILE D 193 11.39 -30.38 2.63
C ILE D 193 12.25 -30.72 1.41
N LYS D 194 13.51 -30.30 1.42
CA LYS D 194 14.46 -30.57 0.34
C LYS D 194 14.63 -32.06 0.08
N GLN D 195 14.91 -32.81 1.16
CA GLN D 195 15.14 -34.23 1.03
C GLN D 195 13.91 -34.97 0.54
N THR D 196 12.74 -34.61 1.09
CA THR D 196 11.50 -35.29 0.75
C THR D 196 11.05 -35.02 -0.67
N LEU D 197 11.15 -33.76 -1.09
CA LEU D 197 10.74 -33.35 -2.42
C LEU D 197 11.84 -33.51 -3.48
N GLN D 198 13.04 -33.87 -3.02
CA GLN D 198 14.20 -34.08 -3.87
C GLN D 198 14.59 -32.82 -4.63
N LEU D 199 14.80 -31.74 -3.88
CA LEU D 199 15.14 -30.45 -4.45
C LEU D 199 16.32 -29.84 -3.71
N PRO D 200 17.20 -29.13 -4.43
CA PRO D 200 18.31 -28.43 -3.81
C PRO D 200 17.96 -26.99 -3.41
N PHE D 201 16.68 -26.66 -3.41
CA PHE D 201 16.25 -25.31 -3.07
C PHE D 201 14.91 -25.34 -2.34
N ILE D 202 14.57 -24.23 -1.69
CA ILE D 202 13.28 -24.07 -1.04
C ILE D 202 12.38 -23.18 -1.89
N ASN D 203 11.19 -23.65 -2.19
CA ASN D 203 10.25 -22.88 -2.97
C ASN D 203 9.79 -21.61 -2.24
N SER D 204 9.45 -20.58 -3.01
CA SER D 204 8.84 -19.36 -2.49
C SER D 204 7.66 -19.63 -1.58
N ASP D 205 6.86 -20.63 -1.96
CA ASP D 205 5.65 -21.01 -1.24
C ASP D 205 5.95 -21.38 0.21
N TYR D 206 6.98 -22.19 0.45
CA TYR D 206 7.30 -22.61 1.80
C TYR D 206 8.02 -21.52 2.61
N LYS D 207 8.77 -20.66 1.91
CA LYS D 207 9.44 -19.53 2.57
C LYS D 207 8.40 -18.54 3.05
N ALA D 208 7.30 -18.40 2.32
CA ALA D 208 6.22 -17.49 2.71
C ALA D 208 5.40 -18.07 3.86
N MET D 209 5.15 -19.37 3.82
CA MET D 209 4.47 -20.02 4.92
C MET D 209 5.34 -19.92 6.17
N ALA D 210 6.65 -19.91 5.97
CA ALA D 210 7.59 -19.86 7.07
C ALA D 210 7.54 -18.54 7.86
N ARG D 211 6.86 -17.53 7.32
CA ARG D 211 6.52 -16.34 8.11
C ARG D 211 5.84 -16.74 9.42
N TRP D 212 5.15 -17.88 9.41
CA TRP D 212 4.53 -18.46 10.60
C TRP D 212 5.10 -19.86 10.79
N PRO D 213 6.31 -19.95 11.36
CA PRO D 213 7.02 -21.22 11.46
C PRO D 213 6.19 -22.36 12.03
N SER D 214 5.37 -22.11 13.03
CA SER D 214 4.59 -23.18 13.64
C SER D 214 3.48 -23.65 12.71
N TYR D 215 2.96 -22.74 11.89
CA TYR D 215 2.00 -23.12 10.85
C TYR D 215 2.66 -23.99 9.76
N LEU D 216 3.82 -23.58 9.24
CA LEU D 216 4.51 -24.36 8.23
C LEU D 216 4.76 -25.77 8.74
N GLU D 217 5.24 -25.87 9.98
CA GLU D 217 5.53 -27.17 10.59
C GLU D 217 4.31 -28.08 10.58
N GLN D 218 3.15 -27.53 10.93
CA GLN D 218 1.91 -28.28 10.91
C GLN D 218 1.49 -28.67 9.49
N ALA D 219 1.49 -27.68 8.60
CA ALA D 219 0.98 -27.88 7.25
C ALA D 219 1.85 -28.88 6.50
N TRP D 220 3.15 -28.75 6.63
CA TRP D 220 4.08 -29.66 5.98
C TRP D 220 3.94 -31.06 6.55
N GLY D 221 3.80 -31.16 7.88
CA GLY D 221 3.62 -32.45 8.52
C GLY D 221 2.40 -33.21 8.02
N ALA D 222 1.30 -32.50 7.81
CA ALA D 222 0.09 -33.10 7.29
C ALA D 222 0.24 -33.53 5.81
N LEU D 223 1.04 -32.79 5.05
CA LEU D 223 1.21 -33.07 3.63
C LEU D 223 2.17 -34.24 3.41
N LYS D 224 3.28 -34.21 4.14
CA LYS D 224 4.39 -35.12 3.91
C LYS D 224 4.03 -36.59 3.64
N PRO D 225 3.08 -37.17 4.41
CA PRO D 225 2.82 -38.59 4.13
C PRO D 225 2.14 -38.85 2.80
N CYS D 226 1.54 -37.84 2.20
CA CYS D 226 0.86 -37.98 0.93
C CYS D 226 1.83 -38.04 -0.24
N ILE D 227 3.02 -37.48 -0.04
CA ILE D 227 4.02 -37.34 -1.09
C ILE D 227 4.42 -38.72 -1.64
N ASP D 228 4.33 -38.85 -2.95
CA ASP D 228 4.77 -40.06 -3.64
C ASP D 228 3.99 -41.34 -3.24
N THR D 229 2.80 -41.17 -2.68
CA THR D 229 1.80 -42.23 -2.71
C THR D 229 1.41 -42.43 -4.18
N PRO D 230 0.82 -43.58 -4.51
CA PRO D 230 0.40 -43.78 -5.90
C PRO D 230 -0.55 -42.70 -6.40
N ALA D 231 -1.48 -42.27 -5.56
CA ALA D 231 -2.46 -41.28 -5.99
C ALA D 231 -1.80 -39.91 -6.24
N TYR D 232 -0.85 -39.52 -5.39
CA TYR D 232 -0.14 -38.26 -5.58
C TYR D 232 0.65 -38.31 -6.89
N GLN D 233 1.38 -39.41 -7.08
CA GLN D 233 2.20 -39.57 -8.26
C GLN D 233 1.37 -39.59 -9.54
N ALA D 234 0.24 -40.30 -9.52
CA ALA D 234 -0.64 -40.33 -10.68
C ALA D 234 -1.25 -38.96 -10.92
N GLY D 235 -1.60 -38.27 -9.86
CA GLY D 235 -2.09 -36.90 -9.97
C GLY D 235 -1.04 -36.00 -10.57
N ARG D 236 0.20 -36.16 -10.13
CA ARG D 236 1.29 -35.32 -10.60
C ARG D 236 1.50 -35.47 -12.10
N PHE D 237 1.39 -36.71 -12.56
CA PHE D 237 1.57 -37.03 -13.96
C PHE D 237 0.49 -36.33 -14.78
N ASP D 238 -0.75 -36.41 -14.31
CA ASP D 238 -1.86 -35.75 -14.96
C ASP D 238 -1.67 -34.22 -15.05
N ILE D 239 -1.17 -33.62 -13.98
CA ILE D 239 -0.95 -32.18 -13.98
C ILE D 239 0.13 -31.81 -15.01
N ASN D 240 1.20 -32.60 -15.04
CA ASN D 240 2.25 -32.45 -16.05
C ASN D 240 1.72 -32.57 -17.48
N ALA D 241 0.86 -33.57 -17.72
CA ALA D 241 0.21 -33.75 -19.03
C ALA D 241 -0.61 -32.54 -19.45
N ARG D 242 -1.35 -31.93 -18.52
CA ARG D 242 -2.11 -30.73 -18.83
C ARG D 242 -1.18 -29.59 -19.24
N ALA D 243 -0.05 -29.49 -18.57
CA ALA D 243 0.96 -28.48 -18.89
C ALA D 243 1.46 -28.63 -20.31
N LEU D 244 1.78 -29.87 -20.70
CA LEU D 244 2.20 -30.18 -22.05
C LEU D 244 1.13 -29.84 -23.09
N ALA D 245 -0.12 -30.13 -22.78
CA ALA D 245 -1.22 -29.84 -23.71
C ALA D 245 -1.38 -28.35 -23.93
N ALA D 246 -1.19 -27.57 -22.87
CA ALA D 246 -1.33 -26.12 -22.95
C ALA D 246 -0.28 -25.54 -23.89
N LEU D 247 0.93 -26.09 -23.83
CA LEU D 247 2.03 -25.63 -24.65
C LEU D 247 1.70 -25.81 -26.12
N ASP D 248 1.05 -26.92 -26.43
CA ASP D 248 0.68 -27.24 -27.80
C ASP D 248 -0.36 -26.27 -28.34
N ALA D 249 -1.14 -25.65 -27.45
CA ALA D 249 -2.22 -24.78 -27.86
C ALA D 249 -1.97 -23.28 -27.62
N LEU D 250 -0.71 -22.89 -27.44
CA LEU D 250 -0.40 -21.46 -27.28
C LEU D 250 -0.90 -20.68 -28.49
N PRO D 251 -1.54 -19.53 -28.23
CA PRO D 251 -2.17 -18.75 -29.30
C PRO D 251 -1.17 -18.01 -30.16
N THR D 252 -0.02 -17.67 -29.59
CA THR D 252 1.08 -17.10 -30.35
C THR D 252 2.24 -18.08 -30.31
N ALA D 253 2.76 -18.42 -31.49
CA ALA D 253 3.81 -19.41 -31.60
C ALA D 253 5.02 -19.09 -30.71
N TYR D 254 5.56 -20.12 -30.08
CA TYR D 254 6.77 -20.02 -29.26
C TYR D 254 7.83 -20.98 -29.78
N ARG D 255 8.98 -20.42 -30.15
CA ARG D 255 10.15 -21.21 -30.47
C ARG D 255 11.34 -20.59 -29.76
N MET D 256 12.09 -21.43 -29.06
CA MET D 256 13.31 -21.00 -28.39
C MET D 256 14.19 -22.21 -28.21
N SER D 257 14.95 -22.50 -29.27
CA SER D 257 15.77 -23.71 -29.38
C SER D 257 17.16 -23.51 -28.83
N ARG D 258 17.97 -24.57 -28.87
CA ARG D 258 19.40 -24.46 -28.60
C ARG D 258 20.02 -23.38 -29.48
N ASP D 259 19.71 -23.43 -30.77
CA ASP D 259 20.25 -22.45 -31.70
C ASP D 259 19.81 -21.03 -31.33
N ASP D 260 18.54 -20.86 -30.96
CA ASP D 260 18.08 -19.57 -30.47
C ASP D 260 18.83 -19.17 -29.19
N ALA D 261 19.14 -20.14 -28.34
CA ALA D 261 19.88 -19.84 -27.13
C ALA D 261 21.27 -19.35 -27.47
N LEU D 262 21.92 -20.02 -28.43
CA LEU D 262 23.27 -19.64 -28.84
C LEU D 262 23.26 -18.25 -29.46
N GLN D 263 22.26 -17.98 -30.30
CA GLN D 263 22.10 -16.66 -30.89
C GLN D 263 21.87 -15.57 -29.86
N ALA D 264 21.26 -15.93 -28.73
CA ALA D 264 21.01 -14.95 -27.69
C ALA D 264 22.30 -14.63 -26.93
N GLY D 265 23.29 -15.49 -27.04
CA GLY D 265 24.58 -15.22 -26.42
C GLY D 265 24.99 -16.23 -25.37
N LEU D 266 24.25 -17.32 -25.26
CA LEU D 266 24.67 -18.40 -24.35
C LEU D 266 25.73 -19.26 -25.02
N SER D 267 26.65 -19.80 -24.23
CA SER D 267 27.60 -20.76 -24.76
C SER D 267 26.93 -22.14 -24.85
N GLU D 268 27.58 -23.07 -25.55
CA GLU D 268 27.13 -24.44 -25.61
C GLU D 268 27.02 -25.02 -24.20
N ALA D 269 28.04 -24.79 -23.39
CA ALA D 269 28.06 -25.35 -22.04
C ALA D 269 26.98 -24.72 -21.15
N GLN D 270 26.73 -23.42 -21.33
CA GLN D 270 25.66 -22.77 -20.57
C GLN D 270 24.30 -23.34 -20.93
N THR D 271 24.10 -23.59 -22.23
CA THR D 271 22.85 -24.11 -22.72
C THR D 271 22.59 -25.51 -22.16
N ASP D 272 23.64 -26.33 -22.11
CA ASP D 272 23.53 -27.65 -21.48
C ASP D 272 23.14 -27.55 -20.01
N GLU D 273 23.77 -26.61 -19.31
CA GLU D 273 23.48 -26.37 -17.91
C GLU D 273 22.02 -25.92 -17.72
N LEU D 274 21.60 -24.97 -18.54
CA LEU D 274 20.24 -24.45 -18.51
C LEU D 274 19.19 -25.55 -18.73
N ILE D 275 19.48 -26.46 -19.64
CA ILE D 275 18.57 -27.56 -19.93
C ILE D 275 18.33 -28.40 -18.67
N GLN D 276 19.39 -28.75 -17.97
CA GLN D 276 19.25 -29.49 -16.73
C GLN D 276 18.47 -28.69 -15.68
N VAL D 277 18.81 -27.40 -15.57
CA VAL D 277 18.20 -26.51 -14.59
C VAL D 277 16.69 -26.44 -14.81
N ILE D 278 16.28 -26.08 -16.02
CA ILE D 278 14.85 -25.93 -16.32
C ILE D 278 14.10 -27.26 -16.18
N SER D 279 14.76 -28.38 -16.49
CA SER D 279 14.12 -29.69 -16.42
C SER D 279 13.73 -30.02 -15.00
N LEU D 280 14.62 -29.72 -14.06
CA LEU D 280 14.35 -29.94 -12.65
C LEU D 280 13.20 -29.05 -12.18
N PHE D 281 13.24 -27.77 -12.51
CA PHE D 281 12.15 -26.88 -12.08
C PHE D 281 10.81 -27.28 -12.70
N GLN D 282 10.82 -27.64 -13.97
CA GLN D 282 9.59 -28.05 -14.65
C GLN D 282 8.95 -29.26 -13.96
N TRP D 283 9.79 -30.23 -13.61
CA TRP D 283 9.36 -31.41 -12.88
C TRP D 283 8.82 -31.06 -11.51
N MET D 284 9.58 -30.23 -10.80
CA MET D 284 9.21 -29.75 -9.47
C MET D 284 7.81 -29.14 -9.43
N LEU D 285 7.49 -28.35 -10.44
CA LEU D 285 6.30 -27.50 -10.40
C LEU D 285 4.96 -28.27 -10.43
N SER D 286 4.92 -29.45 -11.04
CA SER D 286 3.69 -30.24 -10.98
C SER D 286 3.42 -30.68 -9.54
N GLY D 287 4.48 -31.01 -8.82
CA GLY D 287 4.38 -31.40 -7.43
C GLY D 287 3.98 -30.25 -6.52
N LEU D 288 4.55 -29.08 -6.79
CA LEU D 288 4.28 -27.88 -6.01
C LEU D 288 2.80 -27.51 -6.04
N VAL D 289 2.20 -27.63 -7.23
CA VAL D 289 0.79 -27.35 -7.44
C VAL D 289 -0.09 -28.24 -6.57
N LEU D 290 0.20 -29.54 -6.53
CA LEU D 290 -0.54 -30.46 -5.67
C LEU D 290 -0.35 -30.13 -4.19
N ASN D 291 0.87 -29.75 -3.83
CA ASN D 291 1.21 -29.44 -2.45
C ASN D 291 0.44 -28.23 -1.91
N VAL D 292 0.36 -27.19 -2.74
CA VAL D 292 -0.35 -25.96 -2.34
C VAL D 292 -1.84 -26.23 -2.24
N THR D 293 -2.36 -27.03 -3.16
CA THR D 293 -3.75 -27.46 -3.09
C THR D 293 -4.04 -28.14 -1.76
N HIS D 294 -3.13 -29.01 -1.35
CA HIS D 294 -3.27 -29.73 -0.10
C HIS D 294 -3.32 -28.78 1.10
N PHE D 295 -2.37 -27.85 1.15
CA PHE D 295 -2.32 -26.80 2.16
C PHE D 295 -3.63 -26.03 2.22
N LYS D 296 -4.13 -25.63 1.05
CA LYS D 296 -5.33 -24.83 0.95
C LYS D 296 -6.57 -25.57 1.43
N GLN D 297 -6.61 -26.87 1.16
CA GLN D 297 -7.75 -27.68 1.56
C GLN D 297 -7.67 -28.00 3.05
N GLN D 298 -6.45 -28.13 3.58
CA GLN D 298 -6.25 -28.21 5.02
C GLN D 298 -6.85 -27.00 5.74
N ALA D 299 -6.69 -25.84 5.12
CA ALA D 299 -6.97 -24.58 5.78
C ALA D 299 -8.38 -24.09 5.53
N LEU D 300 -9.16 -24.87 4.79
CA LEU D 300 -10.56 -24.57 4.53
C LEU D 300 -11.36 -24.30 5.81
#